data_9DRA
#
_entry.id   9DRA
#
_cell.length_a   115.393
_cell.length_b   52.306
_cell.length_c   120.402
_cell.angle_alpha   90.00
_cell.angle_beta   92.50
_cell.angle_gamma   90.00
#
_symmetry.space_group_name_H-M   'C 1 2 1'
#
loop_
_entity.id
_entity.type
_entity.pdbx_description
1 polymer 'Catechol 1,2-dioxygenase'
2 non-polymer 'FE (III) ION'
3 non-polymer (6R)-3,4-dichloro-6-hydroxycyclohex-3-en-1-one
4 non-polymer 'DODECAETHYLENE GLYCOL'
5 non-polymer 'NONAETHYLENE GLYCOL'
6 non-polymer 'CALCIUM ION'
7 water water
#
_entity_poly.entity_id   1
_entity_poly.type   'polypeptide(L)'
_entity_poly.pdbx_seq_one_letter_code
;MAHHHHHHMSVKVFDTKEVQDLLKAAANLNGDAGNARFRQIVHRLLSDLFKAIDDLDITPDEVWAGVNYLNKLGQDGEAA
LLAAGIGLEKYLDIRMDAADRAAGLDGGTPRTIEGPLYVAGAPVRDGVAKIDLDDDADAGPLVIRGTVTGTDGKPLAGAL
VECWHANSKGFYSHFDPTGAQTAFNLRGAVRTDANGKYEFRTLMPVGYGCPPQGATQQLLNGLGRHGNRPAHVHFFVSGD
GHRKLTTQFNIEGDPLIWDDFAYATREELIPHVVDKTGGAALGMKSDAYKEIEFDIVLTPLLDGRDNQVVHRPRASADA
;
_entity_poly.pdbx_strand_id   A,B
#
# COMPACT_ATOMS: atom_id res chain seq x y z
N VAL A 11 -26.66 -1.79 -1.62
CA VAL A 11 -26.95 -2.50 -0.38
C VAL A 11 -26.09 -2.02 0.76
N LYS A 12 -26.59 -2.14 1.98
CA LYS A 12 -25.83 -1.80 3.18
C LYS A 12 -25.74 -3.04 4.04
N VAL A 13 -24.51 -3.51 4.26
CA VAL A 13 -24.27 -4.72 5.03
C VAL A 13 -23.35 -4.50 6.22
N PHE A 14 -22.80 -3.30 6.41
CA PHE A 14 -21.73 -3.15 7.40
C PHE A 14 -22.19 -3.51 8.80
N ASP A 15 -23.43 -3.17 9.14
CA ASP A 15 -23.93 -3.39 10.48
C ASP A 15 -24.34 -4.84 10.74
N THR A 16 -24.23 -5.73 9.77
CA THR A 16 -24.70 -7.09 9.97
C THR A 16 -23.73 -7.89 10.83
N LYS A 17 -24.27 -8.91 11.51
CA LYS A 17 -23.44 -9.77 12.36
C LYS A 17 -22.36 -10.47 11.54
N GLU A 18 -22.70 -10.88 10.32
CA GLU A 18 -21.73 -11.54 9.44
CA GLU A 18 -21.69 -11.57 9.51
C GLU A 18 -20.48 -10.68 9.26
N VAL A 19 -20.69 -9.40 8.98
CA VAL A 19 -19.56 -8.51 8.72
C VAL A 19 -18.80 -8.21 10.00
N GLN A 20 -19.50 -7.96 11.09
CA GLN A 20 -18.80 -7.64 12.33
C GLN A 20 -18.01 -8.84 12.85
N ASP A 21 -18.54 -10.06 12.64
CA ASP A 21 -17.79 -11.25 13.01
C ASP A 21 -16.56 -11.41 12.13
N LEU A 22 -16.70 -11.09 10.84
CA LEU A 22 -15.56 -11.19 9.94
C LEU A 22 -14.45 -10.22 10.36
N LEU A 23 -14.82 -9.01 10.78
CA LEU A 23 -13.82 -8.04 11.21
C LEU A 23 -13.13 -8.50 12.48
N LYS A 24 -13.88 -9.06 13.42
CA LYS A 24 -13.28 -9.54 14.66
C LYS A 24 -12.32 -10.68 14.38
N ALA A 25 -12.69 -11.58 13.46
CA ALA A 25 -11.80 -12.70 13.16
C ALA A 25 -10.57 -12.23 12.40
N ALA A 26 -10.76 -11.33 11.44
CA ALA A 26 -9.64 -10.88 10.64
C ALA A 26 -8.60 -10.17 11.49
N ALA A 27 -9.03 -9.43 12.51
CA ALA A 27 -8.10 -8.77 13.41
C ALA A 27 -7.72 -9.64 14.60
N ASN A 28 -8.28 -10.84 14.71
CA ASN A 28 -7.98 -11.78 15.80
C ASN A 28 -8.20 -11.14 17.16
N LEU A 29 -9.30 -10.41 17.30
CA LEU A 29 -9.60 -9.77 18.58
C LEU A 29 -9.81 -10.80 19.68
N ASN A 30 -10.41 -11.95 19.36
CA ASN A 30 -10.66 -13.00 20.33
C ASN A 30 -9.51 -14.00 20.43
N GLY A 31 -8.32 -13.64 19.97
CA GLY A 31 -7.21 -14.58 19.95
C GLY A 31 -6.49 -14.65 21.28
N ASP A 32 -5.63 -15.66 21.40
CA ASP A 32 -4.75 -15.75 22.56
C ASP A 32 -4.08 -14.41 22.79
N ALA A 33 -3.68 -14.15 24.03
CA ALA A 33 -2.91 -12.95 24.33
C ALA A 33 -1.87 -12.71 23.25
N GLY A 34 -1.76 -11.46 22.81
CA GLY A 34 -0.83 -11.11 21.76
C GLY A 34 -0.50 -9.64 21.75
N ASN A 35 -0.38 -9.07 20.55
CA ASN A 35 -0.08 -7.64 20.38
C ASN A 35 -1.42 -6.91 20.33
N ALA A 36 -1.93 -6.55 21.51
CA ALA A 36 -3.27 -5.98 21.59
C ALA A 36 -3.34 -4.65 20.86
N ARG A 37 -2.30 -3.82 21.00
CA ARG A 37 -2.30 -2.52 20.34
C ARG A 37 -2.37 -2.70 18.82
N PHE A 38 -1.57 -3.61 18.28
CA PHE A 38 -1.62 -3.85 16.85
C PHE A 38 -3.01 -4.34 16.42
N ARG A 39 -3.58 -5.29 17.15
CA ARG A 39 -4.90 -5.77 16.78
C ARG A 39 -5.94 -4.65 16.82
N GLN A 40 -5.85 -3.78 17.83
CA GLN A 40 -6.77 -2.65 17.94
C GLN A 40 -6.68 -1.74 16.73
N ILE A 41 -5.46 -1.39 16.32
CA ILE A 41 -5.27 -0.51 15.17
C ILE A 41 -5.78 -1.19 13.90
N VAL A 42 -5.42 -2.46 13.70
CA VAL A 42 -5.87 -3.15 12.50
C VAL A 42 -7.38 -3.25 12.48
N HIS A 43 -8.01 -3.55 13.60
CA HIS A 43 -9.46 -3.65 13.59
C HIS A 43 -10.09 -2.30 13.22
N ARG A 44 -9.53 -1.20 13.74
CA ARG A 44 -10.12 0.10 13.48
C ARG A 44 -9.99 0.47 12.02
N LEU A 45 -8.80 0.24 11.44
CA LEU A 45 -8.59 0.63 10.05
C LEU A 45 -9.41 -0.24 9.10
N LEU A 46 -9.48 -1.54 9.40
CA LEU A 46 -10.30 -2.45 8.58
CA LEU A 46 -10.29 -2.44 8.57
C LEU A 46 -11.77 -2.09 8.67
N SER A 47 -12.26 -1.83 9.89
CA SER A 47 -13.65 -1.47 10.06
CA SER A 47 -13.65 -1.47 10.07
C SER A 47 -13.97 -0.19 9.30
N ASP A 48 -13.10 0.80 9.40
CA ASP A 48 -13.36 2.04 8.69
C ASP A 48 -13.36 1.82 7.19
N LEU A 49 -12.44 0.98 6.69
CA LEU A 49 -12.41 0.71 5.26
C LEU A 49 -13.69 0.02 4.82
N PHE A 50 -14.13 -0.98 5.59
CA PHE A 50 -15.35 -1.69 5.23
C PHE A 50 -16.56 -0.75 5.25
N LYS A 51 -16.62 0.17 6.23
CA LYS A 51 -17.76 1.08 6.28
C LYS A 51 -17.73 2.06 5.11
N ALA A 52 -16.54 2.54 4.73
CA ALA A 52 -16.44 3.45 3.59
C ALA A 52 -16.86 2.76 2.30
N ILE A 53 -16.45 1.51 2.11
CA ILE A 53 -16.88 0.74 0.95
C ILE A 53 -18.40 0.63 0.91
N ASP A 54 -19.01 0.32 2.05
CA ASP A 54 -20.47 0.25 2.13
C ASP A 54 -21.12 1.62 1.86
N ASP A 55 -20.62 2.67 2.51
CA ASP A 55 -21.27 3.97 2.42
C ASP A 55 -21.20 4.58 1.03
N LEU A 56 -20.05 4.47 0.36
CA LEU A 56 -19.82 5.05 -0.96
CA LEU A 56 -19.85 5.05 -0.96
C LEU A 56 -20.11 4.06 -2.08
N ASP A 57 -20.59 2.86 -1.76
CA ASP A 57 -20.81 1.80 -2.76
C ASP A 57 -19.58 1.64 -3.65
N ILE A 58 -18.43 1.45 -3.02
CA ILE A 58 -17.20 1.24 -3.77
C ILE A 58 -17.25 -0.15 -4.38
N THR A 59 -17.08 -0.21 -5.69
CA THR A 59 -17.29 -1.46 -6.43
C THR A 59 -16.07 -2.36 -6.30
N PRO A 60 -16.22 -3.66 -6.55
CA PRO A 60 -15.03 -4.51 -6.61
C PRO A 60 -14.00 -3.99 -7.59
N ASP A 61 -14.42 -3.51 -8.78
CA ASP A 61 -13.43 -3.02 -9.74
C ASP A 61 -12.62 -1.89 -9.12
N GLU A 62 -13.30 -0.98 -8.42
CA GLU A 62 -12.61 0.13 -7.78
C GLU A 62 -11.68 -0.38 -6.70
N VAL A 63 -12.13 -1.32 -5.87
CA VAL A 63 -11.26 -1.87 -4.83
C VAL A 63 -10.01 -2.49 -5.46
N TRP A 64 -10.18 -3.32 -6.48
CA TRP A 64 -8.99 -3.99 -7.03
C TRP A 64 -8.05 -3.00 -7.70
N ALA A 65 -8.57 -1.86 -8.18
CA ALA A 65 -7.68 -0.81 -8.67
C ALA A 65 -6.89 -0.18 -7.53
N GLY A 66 -7.51 -0.01 -6.36
CA GLY A 66 -6.78 0.44 -5.18
C GLY A 66 -5.76 -0.57 -4.69
N VAL A 67 -6.10 -1.86 -4.77
CA VAL A 67 -5.13 -2.89 -4.40
C VAL A 67 -3.95 -2.86 -5.36
N ASN A 68 -4.22 -2.69 -6.65
CA ASN A 68 -3.15 -2.65 -7.65
C ASN A 68 -2.28 -1.43 -7.44
N TYR A 69 -2.90 -0.33 -7.00
CA TYR A 69 -2.14 0.88 -6.73
C TYR A 69 -1.18 0.65 -5.58
N LEU A 70 -1.62 -0.03 -4.52
CA LEU A 70 -0.72 -0.36 -3.41
C LEU A 70 0.47 -1.18 -3.88
N ASN A 71 0.26 -2.17 -4.77
CA ASN A 71 1.41 -2.89 -5.31
C ASN A 71 2.38 -1.93 -5.99
N LYS A 72 1.88 -1.04 -6.85
CA LYS A 72 2.79 -0.12 -7.56
C LYS A 72 3.46 0.84 -6.60
N LEU A 73 2.73 1.32 -5.59
CA LEU A 73 3.27 2.26 -4.62
C LEU A 73 4.49 1.68 -3.93
N GLY A 74 4.40 0.43 -3.48
CA GLY A 74 5.53 -0.20 -2.81
C GLY A 74 6.61 -0.62 -3.76
N GLN A 75 6.24 -1.06 -4.97
CA GLN A 75 7.25 -1.40 -5.97
C GLN A 75 8.10 -0.18 -6.30
N ASP A 76 7.47 0.99 -6.30
CA ASP A 76 8.17 2.25 -6.53
C ASP A 76 8.93 2.74 -5.31
N GLY A 77 8.69 2.15 -4.14
CA GLY A 77 9.31 2.63 -2.91
C GLY A 77 8.83 4.00 -2.50
N GLU A 78 7.58 4.33 -2.81
CA GLU A 78 7.10 5.70 -2.67
C GLU A 78 6.03 5.90 -1.59
N ALA A 79 5.85 4.96 -0.67
CA ALA A 79 4.77 5.15 0.31
C ALA A 79 5.00 6.40 1.16
N ALA A 80 6.27 6.71 1.49
CA ALA A 80 6.54 7.91 2.30
C ALA A 80 6.40 9.20 1.51
N LEU A 81 6.61 9.13 0.19
CA LEU A 81 6.36 10.30 -0.65
CA LEU A 81 6.36 10.30 -0.65
C LEU A 81 4.87 10.58 -0.73
N LEU A 82 4.06 9.53 -0.87
CA LEU A 82 2.62 9.71 -0.82
C LEU A 82 2.17 10.25 0.55
N ALA A 83 2.78 9.76 1.64
CA ALA A 83 2.42 10.26 2.97
C ALA A 83 2.58 11.78 3.03
N ALA A 84 3.61 12.31 2.39
CA ALA A 84 3.77 13.76 2.34
C ALA A 84 2.74 14.41 1.43
N GLY A 85 2.49 13.79 0.28
CA GLY A 85 1.66 14.41 -0.74
C GLY A 85 0.18 14.49 -0.40
N ILE A 86 -0.36 13.56 0.37
CA ILE A 86 -1.75 13.67 0.78
C ILE A 86 -1.87 14.24 2.20
N GLY A 87 -0.80 14.85 2.72
CA GLY A 87 -0.96 15.65 3.91
C GLY A 87 -0.80 14.91 5.21
N LEU A 88 -0.57 13.61 5.17
CA LEU A 88 -0.42 12.84 6.40
C LEU A 88 0.81 13.29 7.18
N GLU A 89 1.92 13.61 6.49
CA GLU A 89 3.11 14.04 7.19
C GLU A 89 2.88 15.39 7.87
N LYS A 90 2.22 16.32 7.18
CA LYS A 90 1.86 17.59 7.81
C LYS A 90 0.94 17.37 9.01
N TYR A 91 -0.01 16.44 8.87
CA TYR A 91 -0.96 16.17 9.94
C TYR A 91 -0.26 15.72 11.21
N LEU A 92 0.80 14.91 11.06
CA LEU A 92 1.56 14.52 12.24
C LEU A 92 2.16 15.74 12.93
N ASP A 93 2.64 16.71 12.14
CA ASP A 93 3.14 17.95 12.72
C ASP A 93 2.01 18.73 13.41
N ILE A 94 0.81 18.75 12.82
CA ILE A 94 -0.29 19.46 13.46
C ILE A 94 -0.55 18.90 14.84
N ARG A 95 -0.56 17.57 14.98
CA ARG A 95 -0.81 16.98 16.29
C ARG A 95 0.32 17.22 17.26
N MET A 96 1.58 17.25 16.79
CA MET A 96 2.69 17.59 17.68
C MET A 96 2.61 19.04 18.11
N ASP A 97 2.28 19.95 17.18
CA ASP A 97 2.12 21.36 17.51
C ASP A 97 1.01 21.57 18.52
N ALA A 98 -0.13 20.86 18.36
CA ALA A 98 -1.22 20.97 19.33
C ALA A 98 -0.77 20.54 20.72
N ALA A 99 0.05 19.48 20.79
CA ALA A 99 0.53 19.05 22.11
C ALA A 99 1.41 20.11 22.73
N ASP A 100 2.35 20.67 21.94
CA ASP A 100 3.21 21.72 22.46
C ASP A 100 2.41 22.93 22.91
N ARG A 101 1.40 23.33 22.12
CA ARG A 101 0.57 24.46 22.51
C ARG A 101 -0.13 24.18 23.83
N ALA A 102 -0.69 22.97 23.99
CA ALA A 102 -1.40 22.65 25.23
C ALA A 102 -0.46 22.65 26.42
N ALA A 103 0.82 22.36 26.18
CA ALA A 103 1.81 22.37 27.24
C ALA A 103 2.35 23.75 27.54
N GLY A 104 1.96 24.77 26.76
CA GLY A 104 2.39 26.12 27.04
C GLY A 104 3.70 26.51 26.41
N LEU A 105 4.20 25.73 25.44
CA LEU A 105 5.45 26.02 24.79
C LEU A 105 5.22 27.07 23.70
N ASP A 106 6.10 28.06 23.67
CA ASP A 106 6.21 28.96 22.54
C ASP A 106 7.67 29.32 22.41
N GLY A 107 7.99 30.04 21.35
CA GLY A 107 9.30 30.60 21.23
C GLY A 107 10.33 29.76 20.50
N GLY A 108 10.03 28.49 20.24
CA GLY A 108 10.93 27.67 19.44
C GLY A 108 10.73 27.90 17.95
N THR A 109 11.78 27.67 17.18
CA THR A 109 11.64 27.66 15.73
C THR A 109 10.59 26.63 15.36
N PRO A 110 9.62 26.97 14.51
CA PRO A 110 8.58 25.99 14.18
C PRO A 110 9.12 24.75 13.50
N ARG A 111 8.54 23.60 13.85
CA ARG A 111 8.83 22.37 13.14
C ARG A 111 8.21 22.39 11.74
N THR A 112 8.78 21.62 10.83
CA THR A 112 8.00 21.20 9.68
C THR A 112 8.47 19.81 9.25
N ILE A 113 7.94 19.35 8.11
CA ILE A 113 8.09 17.93 7.80
C ILE A 113 9.53 17.60 7.47
N GLU A 114 9.93 16.38 7.83
CA GLU A 114 11.20 15.81 7.43
C GLU A 114 11.29 15.53 5.92
N GLY A 115 10.23 14.95 5.34
CA GLY A 115 10.31 14.40 4.00
C GLY A 115 11.05 13.09 4.04
N PRO A 116 11.12 12.41 2.90
CA PRO A 116 11.64 11.03 2.86
C PRO A 116 13.09 10.88 2.43
N LEU A 117 13.85 11.97 2.35
CA LEU A 117 15.14 11.94 1.68
C LEU A 117 16.33 12.20 2.60
N TYR A 118 16.17 12.08 3.92
CA TYR A 118 17.35 12.12 4.79
C TYR A 118 18.28 10.95 4.50
N VAL A 119 19.59 11.19 4.59
CA VAL A 119 20.58 10.12 4.53
C VAL A 119 21.48 10.24 5.75
N ALA A 120 21.53 9.18 6.55
CA ALA A 120 22.35 9.18 7.76
C ALA A 120 23.82 8.98 7.42
N GLY A 121 24.68 9.49 8.29
CA GLY A 121 26.11 9.24 8.20
C GLY A 121 26.97 10.36 7.66
N ALA A 122 26.43 11.57 7.47
CA ALA A 122 27.24 12.63 6.89
C ALA A 122 28.36 13.02 7.86
N PRO A 123 29.54 13.39 7.36
CA PRO A 123 30.63 13.74 8.26
C PRO A 123 30.34 15.06 8.97
N VAL A 124 30.78 15.15 10.22
CA VAL A 124 30.48 16.28 11.09
C VAL A 124 31.71 17.17 11.12
N ARG A 125 31.53 18.46 10.88
CA ARG A 125 32.62 19.42 10.93
C ARG A 125 32.41 20.38 12.08
N ASP A 126 33.48 21.00 12.53
CA ASP A 126 33.38 22.03 13.55
C ASP A 126 33.15 23.40 12.90
N GLY A 127 32.01 23.99 13.19
CA GLY A 127 31.72 25.38 12.86
C GLY A 127 31.30 25.66 11.44
N VAL A 128 32.01 25.09 10.46
CA VAL A 128 31.76 25.39 9.06
CA VAL A 128 31.79 25.40 9.05
C VAL A 128 31.98 24.12 8.23
N ALA A 129 31.11 23.92 7.26
CA ALA A 129 31.25 22.78 6.35
C ALA A 129 30.95 23.23 4.94
N LYS A 130 31.78 22.84 3.99
CA LYS A 130 31.51 23.01 2.56
C LYS A 130 30.90 21.71 2.06
N ILE A 131 29.66 21.78 1.57
CA ILE A 131 28.92 20.55 1.27
C ILE A 131 28.61 20.35 -0.19
N ASP A 132 28.99 21.27 -1.08
CA ASP A 132 28.82 21.00 -2.51
C ASP A 132 30.07 20.30 -3.02
N LEU A 133 29.94 18.98 -3.19
CA LEU A 133 31.03 18.15 -3.65
C LEU A 133 31.07 17.99 -5.16
N ASP A 134 29.93 18.12 -5.82
CA ASP A 134 29.79 17.95 -7.24
C ASP A 134 29.51 19.28 -7.94
N ASP A 135 30.18 19.49 -9.07
CA ASP A 135 29.97 20.73 -9.82
C ASP A 135 28.53 20.79 -10.33
N ASP A 136 27.97 22.00 -10.31
CA ASP A 136 26.60 22.23 -10.79
C ASP A 136 26.56 23.65 -11.38
N ALA A 137 26.79 23.73 -12.70
CA ALA A 137 27.01 25.01 -13.36
C ALA A 137 25.81 25.93 -13.19
N ASP A 138 24.60 25.37 -13.12
CA ASP A 138 23.38 26.17 -13.10
C ASP A 138 23.01 26.67 -11.70
N ALA A 139 23.70 26.23 -10.65
CA ALA A 139 23.38 26.67 -9.29
C ALA A 139 24.45 27.62 -8.80
N GLY A 140 24.02 28.78 -8.32
CA GLY A 140 24.98 29.74 -7.81
C GLY A 140 25.36 29.44 -6.37
N PRO A 141 26.44 30.03 -5.91
CA PRO A 141 26.93 29.74 -4.54
C PRO A 141 26.01 30.36 -3.49
N LEU A 142 25.93 29.67 -2.35
CA LEU A 142 25.04 30.01 -1.26
C LEU A 142 25.73 29.75 0.07
N VAL A 143 25.75 30.73 0.96
CA VAL A 143 26.15 30.52 2.35
C VAL A 143 24.90 30.50 3.21
N ILE A 144 24.77 29.48 4.05
CA ILE A 144 23.72 29.40 5.06
C ILE A 144 24.41 29.49 6.41
N ARG A 145 24.05 30.46 7.24
CA ARG A 145 24.71 30.59 8.53
CA ARG A 145 24.71 30.58 8.53
C ARG A 145 23.70 31.07 9.56
N GLY A 146 24.02 30.83 10.81
CA GLY A 146 23.12 31.28 11.86
C GLY A 146 23.67 30.92 13.22
N THR A 147 22.87 31.26 14.22
CA THR A 147 23.15 30.99 15.62
C THR A 147 22.06 30.11 16.17
N VAL A 148 22.45 29.08 16.91
CA VAL A 148 21.52 28.22 17.63
C VAL A 148 21.46 28.68 19.08
N THR A 149 20.24 28.92 19.57
CA THR A 149 19.99 29.26 20.96
C THR A 149 18.91 28.35 21.53
N GLY A 150 18.76 28.42 22.86
CA GLY A 150 17.60 27.86 23.54
C GLY A 150 16.52 28.93 23.72
N THR A 151 15.37 28.50 24.25
CA THR A 151 14.26 29.44 24.37
C THR A 151 14.51 30.50 25.43
N ASP A 152 15.55 30.33 26.25
CA ASP A 152 16.01 31.36 27.19
C ASP A 152 16.95 32.37 26.54
N GLY A 153 17.22 32.24 25.25
CA GLY A 153 18.02 33.17 24.51
C GLY A 153 19.50 32.88 24.47
N LYS A 154 19.97 31.88 25.22
CA LYS A 154 21.42 31.73 25.31
C LYS A 154 21.94 30.81 24.21
N PRO A 155 23.09 31.15 23.61
CA PRO A 155 23.63 30.30 22.53
C PRO A 155 23.95 28.90 23.03
N LEU A 156 23.77 27.93 22.15
CA LEU A 156 24.08 26.55 22.44
C LEU A 156 25.37 26.18 21.70
N ALA A 157 26.41 25.90 22.47
CA ALA A 157 27.70 25.47 21.93
C ALA A 157 27.68 23.97 21.76
N GLY A 158 28.30 23.50 20.68
CA GLY A 158 28.36 22.07 20.45
C GLY A 158 27.06 21.46 20.00
N ALA A 159 26.06 22.26 19.65
CA ALA A 159 24.85 21.74 19.04
C ALA A 159 25.15 21.18 17.64
N LEU A 160 24.38 20.19 17.22
CA LEU A 160 24.59 19.53 15.94
C LEU A 160 23.54 20.05 14.96
N VAL A 161 23.98 20.71 13.90
CA VAL A 161 23.12 21.26 12.86
C VAL A 161 23.37 20.46 11.60
N GLU A 162 22.35 19.79 11.09
CA GLU A 162 22.43 18.97 9.90
CA GLU A 162 22.46 19.01 9.89
C GLU A 162 21.54 19.56 8.82
N CYS A 163 22.01 19.59 7.57
CA CYS A 163 21.14 20.04 6.50
C CYS A 163 21.29 19.10 5.30
N TRP A 164 20.27 19.12 4.46
CA TRP A 164 20.33 18.43 3.18
C TRP A 164 19.41 19.16 2.22
N HIS A 165 19.79 19.20 0.95
CA HIS A 165 18.95 19.87 -0.04
C HIS A 165 19.30 19.39 -1.44
N ALA A 166 18.49 19.83 -2.40
CA ALA A 166 18.58 19.42 -3.80
C ALA A 166 19.57 20.26 -4.60
N ASN A 167 19.96 19.72 -5.76
CA ASN A 167 20.81 20.41 -6.73
C ASN A 167 19.91 21.19 -7.68
N SER A 168 20.50 21.75 -8.75
CA SER A 168 19.80 22.64 -9.69
C SER A 168 18.77 21.92 -10.53
N LYS A 169 18.81 20.60 -10.56
CA LYS A 169 17.85 19.79 -11.28
C LYS A 169 16.79 19.23 -10.36
N GLY A 170 16.81 19.61 -9.09
CA GLY A 170 15.84 19.15 -8.13
C GLY A 170 16.13 17.79 -7.54
N PHE A 171 17.34 17.28 -7.69
CA PHE A 171 17.70 15.93 -7.27
C PHE A 171 18.63 15.98 -6.06
N TYR A 172 18.43 15.03 -5.16
CA TYR A 172 19.26 14.83 -3.97
C TYR A 172 20.25 13.70 -4.19
N SER A 173 21.43 13.86 -3.61
CA SER A 173 22.36 12.73 -3.55
C SER A 173 21.67 11.53 -2.90
N HIS A 174 21.98 10.35 -3.42
CA HIS A 174 21.47 9.04 -3.04
C HIS A 174 20.09 8.81 -3.62
N PHE A 175 19.52 9.78 -4.30
CA PHE A 175 18.20 9.62 -4.90
C PHE A 175 18.15 10.21 -6.30
N ASP A 176 19.28 10.29 -6.98
CA ASP A 176 19.34 10.96 -8.27
C ASP A 176 19.16 9.93 -9.39
N PRO A 177 18.08 10.02 -10.18
CA PRO A 177 17.84 9.01 -11.22
C PRO A 177 18.66 9.20 -12.49
N THR A 178 19.38 10.31 -12.62
CA THR A 178 20.19 10.57 -13.81
C THR A 178 21.62 10.10 -13.67
N GLY A 179 22.00 9.57 -12.52
CA GLY A 179 23.38 9.18 -12.29
C GLY A 179 23.78 9.48 -10.87
N ALA A 180 24.59 8.61 -10.27
CA ALA A 180 24.96 8.78 -8.89
C ALA A 180 25.73 10.08 -8.68
N GLN A 181 25.34 10.81 -7.65
CA GLN A 181 26.13 11.90 -7.10
C GLN A 181 27.20 11.36 -6.18
N THR A 182 28.21 12.19 -5.91
CA THR A 182 29.13 11.86 -4.83
C THR A 182 28.34 11.68 -3.54
N ALA A 183 28.71 10.66 -2.78
CA ALA A 183 28.12 10.44 -1.46
C ALA A 183 28.10 11.72 -0.65
N PHE A 184 26.92 12.03 -0.10
CA PHE A 184 26.68 13.19 0.75
C PHE A 184 26.88 14.53 0.04
N ASN A 185 26.78 14.56 -1.28
CA ASN A 185 26.67 15.85 -1.96
C ASN A 185 25.46 16.63 -1.45
N LEU A 186 25.69 17.89 -1.08
CA LEU A 186 24.66 18.78 -0.54
C LEU A 186 24.04 18.25 0.75
N ARG A 187 24.83 17.56 1.56
CA ARG A 187 24.42 17.05 2.85
C ARG A 187 25.56 17.27 3.83
N GLY A 188 25.27 17.85 4.97
CA GLY A 188 26.35 18.17 5.89
C GLY A 188 25.87 18.31 7.30
N ALA A 189 26.82 18.22 8.22
CA ALA A 189 26.59 18.36 9.65
C ALA A 189 27.70 19.20 10.24
N VAL A 190 27.32 20.13 11.11
CA VAL A 190 28.21 21.09 11.75
C VAL A 190 27.92 21.09 13.25
N ARG A 191 28.96 21.02 14.07
CA ARG A 191 28.84 21.33 15.50
C ARG A 191 29.05 22.83 15.72
N THR A 192 28.10 23.47 16.37
CA THR A 192 28.20 24.91 16.58
C THR A 192 29.42 25.25 17.41
N ASP A 193 29.93 26.45 17.19
CA ASP A 193 31.08 26.97 17.92
C ASP A 193 30.64 27.51 19.29
N ALA A 194 31.58 28.13 20.01
CA ALA A 194 31.31 28.56 21.38
C ALA A 194 30.20 29.57 21.45
N ASN A 195 29.95 30.30 20.36
CA ASN A 195 28.93 31.33 20.33
C ASN A 195 27.65 30.85 19.67
N GLY A 196 27.50 29.52 19.52
CA GLY A 196 26.34 28.93 18.88
C GLY A 196 26.29 29.02 17.38
N LYS A 197 27.37 29.39 16.72
CA LYS A 197 27.33 29.66 15.28
C LYS A 197 27.60 28.41 14.46
N TYR A 198 26.87 28.30 13.34
CA TYR A 198 27.05 27.27 12.34
C TYR A 198 27.11 27.96 10.97
N GLU A 199 27.75 27.28 10.01
CA GLU A 199 27.79 27.79 8.65
C GLU A 199 27.94 26.63 7.68
N PHE A 200 27.18 26.70 6.59
CA PHE A 200 27.33 25.80 5.45
C PHE A 200 27.64 26.61 4.21
N ARG A 201 28.62 26.16 3.43
CA ARG A 201 28.93 26.72 2.14
C ARG A 201 28.46 25.73 1.10
N THR A 202 27.52 26.14 0.27
CA THR A 202 26.81 25.22 -0.60
C THR A 202 26.45 25.94 -1.89
N LEU A 203 25.53 25.37 -2.63
CA LEU A 203 24.95 25.97 -3.83
C LEU A 203 23.43 26.09 -3.62
N MET A 204 22.79 26.91 -4.44
CA MET A 204 21.39 27.22 -4.26
C MET A 204 20.51 26.07 -4.72
N PRO A 205 19.58 25.58 -3.90
CA PRO A 205 18.68 24.52 -4.34
C PRO A 205 17.61 25.06 -5.27
N VAL A 206 17.09 24.13 -6.07
N VAL A 206 17.03 24.13 -6.05
CA VAL A 206 15.90 24.35 -6.89
CA VAL A 206 15.81 24.41 -6.80
C VAL A 206 14.88 23.32 -6.44
C VAL A 206 14.78 23.40 -6.33
N GLY A 207 13.62 23.72 -6.44
N GLY A 207 13.52 23.70 -6.61
CA GLY A 207 12.52 22.83 -6.15
CA GLY A 207 12.43 22.90 -6.12
C GLY A 207 12.32 21.84 -7.30
C GLY A 207 12.47 21.49 -6.65
N TYR A 208 11.51 20.83 -7.01
N TYR A 208 11.87 20.58 -5.88
CA TYR A 208 11.45 19.65 -7.85
CA TYR A 208 11.82 19.17 -6.22
C TYR A 208 10.02 19.16 -7.92
C TYR A 208 10.43 18.82 -6.70
N GLY A 209 9.83 18.09 -8.69
N GLY A 209 10.33 17.79 -7.52
CA GLY A 209 8.60 17.34 -8.68
CA GLY A 209 9.05 17.28 -7.96
C GLY A 209 8.83 15.89 -8.31
C GLY A 209 9.00 15.77 -7.81
N CYS A 210 7.78 15.23 -7.82
CA CYS A 210 7.67 13.78 -7.70
C CYS A 210 8.14 13.11 -8.99
N PRO A 211 8.64 11.87 -8.91
CA PRO A 211 8.93 11.08 -10.14
C PRO A 211 7.71 11.02 -11.04
N PRO A 212 7.80 11.49 -12.29
CA PRO A 212 6.56 11.70 -13.06
CA PRO A 212 6.55 11.69 -13.05
C PRO A 212 5.79 10.42 -13.36
N GLN A 213 6.46 9.28 -13.51
CA GLN A 213 5.78 8.02 -13.76
CA GLN A 213 5.80 8.01 -13.75
C GLN A 213 5.55 7.20 -12.48
N GLY A 214 5.88 7.74 -11.33
CA GLY A 214 5.72 7.02 -10.09
C GLY A 214 4.31 7.07 -9.55
N ALA A 215 4.10 6.24 -8.51
CA ALA A 215 2.77 6.06 -7.95
C ALA A 215 2.24 7.34 -7.32
N THR A 216 3.10 8.14 -6.67
CA THR A 216 2.60 9.35 -6.01
C THR A 216 2.01 10.31 -7.04
N GLN A 217 2.78 10.60 -8.10
CA GLN A 217 2.27 11.48 -9.15
C GLN A 217 1.09 10.88 -9.89
N GLN A 218 1.00 9.56 -9.97
CA GLN A 218 -0.18 8.99 -10.61
C GLN A 218 -1.44 9.34 -9.83
N LEU A 219 -1.40 9.16 -8.51
CA LEU A 219 -2.53 9.54 -7.68
C LEU A 219 -2.80 11.04 -7.75
N LEU A 220 -1.75 11.86 -7.72
CA LEU A 220 -1.96 13.31 -7.78
C LEU A 220 -2.58 13.70 -9.11
N ASN A 221 -2.15 13.08 -10.21
CA ASN A 221 -2.77 13.36 -11.51
C ASN A 221 -4.26 13.03 -11.47
N GLY A 222 -4.61 11.94 -10.80
CA GLY A 222 -6.00 11.56 -10.69
C GLY A 222 -6.83 12.55 -9.92
N LEU A 223 -6.21 13.25 -8.97
CA LEU A 223 -6.87 14.30 -8.21
C LEU A 223 -6.83 15.65 -8.90
N GLY A 224 -6.04 15.81 -9.97
CA GLY A 224 -5.88 17.11 -10.59
C GLY A 224 -4.86 17.99 -9.91
N ARG A 225 -3.92 17.41 -9.19
CA ARG A 225 -2.94 18.15 -8.41
C ARG A 225 -1.54 18.02 -9.00
N HIS A 226 -0.72 19.06 -8.81
CA HIS A 226 0.68 18.99 -9.12
C HIS A 226 1.44 18.32 -7.99
N GLY A 227 2.64 17.85 -8.29
CA GLY A 227 3.50 17.18 -7.33
C GLY A 227 4.83 17.90 -7.08
N ASN A 228 4.80 19.21 -7.01
CA ASN A 228 6.00 20.01 -6.95
C ASN A 228 6.17 20.69 -5.59
N ARG A 229 7.43 20.93 -5.23
CA ARG A 229 7.79 21.64 -4.01
CA ARG A 229 7.77 21.65 -4.02
C ARG A 229 8.58 22.88 -4.39
N PRO A 230 8.42 23.96 -3.65
CA PRO A 230 9.32 25.11 -3.82
C PRO A 230 10.71 24.76 -3.30
N ALA A 231 11.71 25.55 -3.73
CA ALA A 231 13.08 25.33 -3.27
C ALA A 231 13.17 25.50 -1.77
N HIS A 232 13.94 24.62 -1.12
CA HIS A 232 14.00 24.60 0.34
C HIS A 232 15.28 23.88 0.77
N VAL A 233 15.59 24.03 2.05
CA VAL A 233 16.70 23.34 2.71
C VAL A 233 16.16 22.70 3.99
N HIS A 234 16.45 21.42 4.17
CA HIS A 234 16.07 20.68 5.36
C HIS A 234 17.09 20.82 6.49
N PHE A 235 16.59 20.76 7.72
CA PHE A 235 17.43 20.75 8.91
C PHE A 235 16.97 19.75 9.96
N PHE A 236 17.95 19.11 10.60
CA PHE A 236 17.82 18.53 11.92
C PHE A 236 18.73 19.33 12.85
N VAL A 237 18.25 19.70 14.03
CA VAL A 237 19.08 20.43 14.99
C VAL A 237 18.89 19.81 16.36
N SER A 238 19.98 19.53 17.05
CA SER A 238 19.91 18.85 18.33
C SER A 238 21.00 19.40 19.22
N GLY A 239 20.83 19.19 20.53
CA GLY A 239 21.83 19.63 21.46
C GLY A 239 21.54 19.17 22.86
N ASP A 240 22.56 19.03 23.68
CA ASP A 240 22.35 18.52 25.04
C ASP A 240 21.35 19.41 25.76
N GLY A 241 20.41 18.77 26.46
CA GLY A 241 19.40 19.47 27.23
C GLY A 241 18.20 19.94 26.45
N HIS A 242 18.13 19.63 25.15
CA HIS A 242 17.09 20.16 24.27
C HIS A 242 16.55 19.04 23.39
N ARG A 243 15.30 19.25 22.93
CA ARG A 243 14.66 18.33 22.01
C ARG A 243 15.29 18.46 20.62
N LYS A 244 15.17 17.38 19.84
CA LYS A 244 15.60 17.43 18.46
C LYS A 244 14.56 18.15 17.62
N LEU A 245 14.99 19.13 16.85
CA LEU A 245 14.13 19.89 15.96
C LEU A 245 14.27 19.41 14.54
N THR A 246 13.14 19.14 13.89
CA THR A 246 13.05 18.90 12.48
C THR A 246 12.41 20.12 11.86
N THR A 247 13.13 20.78 10.95
CA THR A 247 12.59 21.97 10.32
C THR A 247 13.15 22.13 8.91
N GLN A 248 12.79 23.24 8.28
CA GLN A 248 13.18 23.58 6.91
CA GLN A 248 13.26 23.60 6.94
C GLN A 248 13.19 25.10 6.80
N PHE A 249 13.81 25.62 5.75
CA PHE A 249 13.40 26.95 5.29
C PHE A 249 13.20 26.92 3.78
N ASN A 250 12.32 27.80 3.33
CA ASN A 250 12.04 27.98 1.91
C ASN A 250 12.84 29.16 1.37
N ILE A 251 13.22 29.06 0.10
CA ILE A 251 13.91 30.14 -0.60
C ILE A 251 12.90 31.23 -0.96
N GLU A 252 13.13 32.42 -0.44
CA GLU A 252 12.25 33.54 -0.65
C GLU A 252 12.00 33.76 -2.13
N GLY A 253 10.74 34.06 -2.48
CA GLY A 253 10.40 34.43 -3.84
C GLY A 253 10.04 33.28 -4.77
N ASP A 254 10.14 32.04 -4.31
CA ASP A 254 9.73 30.91 -5.15
C ASP A 254 8.24 30.98 -5.45
N PRO A 255 7.83 30.86 -6.71
CA PRO A 255 6.39 30.95 -7.02
C PRO A 255 5.54 29.84 -6.38
N LEU A 256 6.12 28.72 -5.94
CA LEU A 256 5.38 27.64 -5.32
C LEU A 256 5.40 27.71 -3.81
N ILE A 257 5.90 28.82 -3.24
CA ILE A 257 6.15 28.81 -1.81
C ILE A 257 4.88 28.56 -1.00
N TRP A 258 3.72 29.06 -1.46
CA TRP A 258 2.45 28.79 -0.78
C TRP A 258 1.58 27.78 -1.55
N ASP A 259 2.19 26.96 -2.38
CA ASP A 259 1.50 25.92 -3.12
C ASP A 259 2.34 24.65 -3.16
N ASP A 260 2.93 24.31 -2.02
CA ASP A 260 3.73 23.11 -1.85
C ASP A 260 2.84 21.87 -1.84
N PHE A 261 3.19 20.87 -2.65
CA PHE A 261 2.32 19.69 -2.70
C PHE A 261 2.36 18.91 -1.38
N ALA A 262 3.32 19.20 -0.50
CA ALA A 262 3.49 18.53 0.79
C ALA A 262 3.10 19.44 1.97
N TYR A 263 2.57 20.62 1.69
CA TYR A 263 1.90 21.45 2.70
C TYR A 263 2.82 21.88 3.84
N ALA A 264 4.10 22.12 3.55
CA ALA A 264 5.12 22.23 4.58
C ALA A 264 5.52 23.67 4.87
N THR A 265 5.09 24.64 4.08
CA THR A 265 5.56 26.02 4.28
C THR A 265 5.01 26.63 5.56
N ARG A 266 5.86 27.39 6.25
CA ARG A 266 5.44 28.16 7.41
C ARG A 266 6.06 29.54 7.34
N GLU A 267 5.30 30.55 7.76
CA GLU A 267 5.71 31.92 7.46
C GLU A 267 6.98 32.33 8.18
N GLU A 268 7.32 31.73 9.32
CA GLU A 268 8.53 32.07 10.05
C GLU A 268 9.77 31.41 9.48
N LEU A 269 9.60 30.58 8.47
CA LEU A 269 10.65 29.75 7.90
C LEU A 269 10.96 30.20 6.48
N ILE A 270 10.92 31.52 6.25
CA ILE A 270 11.20 32.10 4.95
C ILE A 270 12.17 33.25 5.18
N PRO A 271 13.46 32.98 5.35
CA PRO A 271 14.41 34.06 5.64
C PRO A 271 14.72 34.90 4.41
N HIS A 272 15.27 36.11 4.65
CA HIS A 272 15.72 37.00 3.59
CA HIS A 272 15.64 36.91 3.51
C HIS A 272 17.00 36.45 2.95
N VAL A 273 17.14 36.66 1.65
CA VAL A 273 18.33 36.27 0.91
C VAL A 273 19.09 37.56 0.58
N VAL A 274 20.36 37.58 0.91
CA VAL A 274 21.21 38.78 0.77
C VAL A 274 22.27 38.51 -0.28
N ASP A 275 22.51 39.51 -1.12
CA ASP A 275 23.58 39.42 -2.10
C ASP A 275 24.89 39.91 -1.47
N LYS A 276 25.95 39.10 -1.62
CA LYS A 276 27.26 39.37 -1.02
C LYS A 276 28.37 39.30 -2.07
N THR A 277 29.52 39.86 -1.69
CA THR A 277 30.77 39.75 -2.43
C THR A 277 31.84 39.21 -1.48
N GLY A 278 33.01 38.91 -2.04
CA GLY A 278 34.09 38.30 -1.28
C GLY A 278 34.07 36.79 -1.30
N GLY A 279 33.35 36.19 -2.24
CA GLY A 279 33.13 34.76 -2.18
C GLY A 279 34.38 33.93 -2.35
N ALA A 280 35.34 34.41 -3.13
CA ALA A 280 36.49 33.54 -3.40
C ALA A 280 37.32 33.30 -2.14
N ALA A 281 37.38 34.28 -1.24
CA ALA A 281 38.15 34.10 -0.01
C ALA A 281 37.50 33.13 0.95
N LEU A 282 36.21 32.81 0.73
CA LEU A 282 35.46 31.82 1.49
C LEU A 282 35.50 30.47 0.80
N GLY A 283 36.22 30.37 -0.31
CA GLY A 283 36.23 29.15 -1.07
C GLY A 283 35.04 28.95 -1.99
N MET A 284 34.21 29.97 -2.21
CA MET A 284 33.11 29.82 -3.15
C MET A 284 33.63 29.95 -4.59
N LYS A 285 32.80 29.48 -5.53
CA LYS A 285 33.23 29.40 -6.91
C LYS A 285 33.12 30.72 -7.66
N SER A 286 32.53 31.74 -7.03
CA SER A 286 32.49 33.07 -7.60
C SER A 286 32.54 34.09 -6.47
N ASP A 287 32.97 35.31 -6.83
CA ASP A 287 33.05 36.41 -5.88
C ASP A 287 31.67 36.77 -5.37
N ALA A 288 30.69 36.83 -6.27
CA ALA A 288 29.32 37.16 -5.91
C ALA A 288 28.58 35.92 -5.48
N TYR A 289 27.91 35.98 -4.34
CA TYR A 289 27.18 34.83 -3.84
C TYR A 289 26.00 35.32 -3.02
N LYS A 290 25.14 34.38 -2.62
CA LYS A 290 23.97 34.68 -1.81
C LYS A 290 24.16 34.15 -0.40
N GLU A 291 23.63 34.89 0.56
CA GLU A 291 23.77 34.53 1.96
C GLU A 291 22.41 34.50 2.61
N ILE A 292 22.14 33.45 3.38
CA ILE A 292 20.90 33.35 4.15
C ILE A 292 21.29 33.19 5.61
N GLU A 293 20.78 34.08 6.47
CA GLU A 293 21.00 33.96 7.91
C GLU A 293 19.75 33.34 8.51
N PHE A 294 19.89 32.12 9.02
CA PHE A 294 18.77 31.34 9.57
C PHE A 294 19.09 31.00 11.02
N ASP A 295 18.61 31.80 11.94
CA ASP A 295 18.84 31.49 13.34
C ASP A 295 17.81 30.45 13.77
N ILE A 296 18.17 29.67 14.78
CA ILE A 296 17.39 28.53 15.21
C ILE A 296 17.28 28.53 16.73
N VAL A 297 16.07 28.30 17.24
CA VAL A 297 15.81 28.23 18.67
C VAL A 297 15.29 26.83 19.01
N LEU A 298 15.97 26.16 19.94
CA LEU A 298 15.59 24.82 20.37
C LEU A 298 14.77 24.88 21.65
N THR A 299 13.93 23.87 21.81
CA THR A 299 13.08 23.73 22.99
CA THR A 299 13.09 23.76 23.00
C THR A 299 13.75 22.83 24.01
N PRO A 300 13.79 23.19 25.29
CA PRO A 300 14.43 22.30 26.27
C PRO A 300 13.66 20.99 26.43
N LEU A 301 14.38 20.00 26.94
CA LEU A 301 13.75 18.74 27.32
C LEU A 301 12.81 18.97 28.49
N LEU A 302 11.85 18.08 28.63
CA LEU A 302 10.93 18.06 29.77
C LEU A 302 11.31 16.88 30.67
N ASP A 303 11.87 17.18 31.85
CA ASP A 303 12.28 16.12 32.78
C ASP A 303 13.26 15.17 32.10
N GLY A 304 14.10 15.70 31.22
CA GLY A 304 15.08 14.91 30.52
C GLY A 304 14.55 14.14 29.34
N ARG A 305 13.28 14.31 28.98
CA ARG A 305 12.66 13.54 27.91
C ARG A 305 12.34 14.42 26.71
N ASP A 306 12.46 13.81 25.52
CA ASP A 306 12.08 14.39 24.25
C ASP A 306 10.82 13.66 23.79
N ASN A 307 9.65 14.27 23.98
CA ASN A 307 8.39 13.59 23.66
C ASN A 307 8.01 13.65 22.17
N GLN A 308 8.90 14.11 21.27
CA GLN A 308 8.49 14.24 19.87
C GLN A 308 9.53 13.79 18.86
N VAL A 309 10.65 13.22 19.27
CA VAL A 309 11.61 12.71 18.32
C VAL A 309 11.00 11.50 17.62
N VAL A 310 11.25 11.39 16.33
CA VAL A 310 10.58 10.41 15.47
C VAL A 310 11.61 9.42 14.98
N HIS A 311 11.31 8.13 15.15
CA HIS A 311 12.11 7.04 14.62
C HIS A 311 11.38 6.49 13.41
N ARG A 312 11.99 6.57 12.25
CA ARG A 312 11.45 6.00 11.02
C ARG A 312 12.60 5.49 10.20
N PRO A 313 12.32 4.63 9.23
CA PRO A 313 13.37 4.16 8.33
C PRO A 313 14.00 5.33 7.58
N ARG A 314 15.33 5.33 7.54
CA ARG A 314 16.10 6.36 6.89
C ARG A 314 17.27 5.71 6.17
N ALA A 315 17.56 6.21 4.98
CA ALA A 315 18.70 5.75 4.21
C ALA A 315 20.00 6.05 4.96
N SER A 316 21.06 5.35 4.58
CA SER A 316 22.39 5.61 5.11
C SER A 316 23.41 5.42 4.00
N ALA A 317 24.61 5.93 4.25
CA ALA A 317 25.72 5.79 3.33
C ALA A 317 27.02 5.98 4.10
N ASP A 318 28.13 5.58 3.48
CA ASP A 318 29.43 5.63 4.14
C ASP A 318 30.32 6.75 3.59
N SER B 10 -3.58 13.11 25.51
CA SER B 10 -3.73 13.02 24.05
C SER B 10 -4.55 14.18 23.51
N VAL B 11 -4.06 14.79 22.43
CA VAL B 11 -4.75 15.89 21.80
C VAL B 11 -5.83 15.37 20.86
N LYS B 12 -6.79 16.23 20.54
CA LYS B 12 -7.81 15.93 19.54
C LYS B 12 -7.90 17.13 18.63
N VAL B 13 -7.39 16.96 17.42
CA VAL B 13 -7.31 18.01 16.40
C VAL B 13 -8.19 17.74 15.19
N PHE B 14 -8.80 16.55 15.07
CA PHE B 14 -9.38 16.20 13.78
C PHE B 14 -10.44 17.21 13.36
N ASP B 15 -11.28 17.63 14.29
CA ASP B 15 -12.40 18.48 13.97
C ASP B 15 -12.04 19.98 14.04
N THR B 16 -10.80 20.34 13.71
CA THR B 16 -10.39 21.74 13.61
C THR B 16 -10.42 22.19 12.14
N LYS B 17 -10.55 23.50 11.96
CA LYS B 17 -10.55 24.06 10.61
C LYS B 17 -9.26 23.73 9.88
N GLU B 18 -8.12 23.79 10.58
CA GLU B 18 -6.82 23.53 9.97
C GLU B 18 -6.80 22.13 9.34
N VAL B 19 -7.28 21.14 10.09
CA VAL B 19 -7.23 19.77 9.60
C VAL B 19 -8.25 19.56 8.48
N GLN B 20 -9.47 20.07 8.66
CA GLN B 20 -10.48 19.90 7.62
C GLN B 20 -10.09 20.61 6.34
N ASP B 21 -9.45 21.79 6.47
CA ASP B 21 -8.92 22.47 5.28
C ASP B 21 -7.82 21.67 4.61
N LEU B 22 -6.96 21.03 5.40
CA LEU B 22 -5.89 20.21 4.83
C LEU B 22 -6.45 19.02 4.07
N LEU B 23 -7.49 18.38 4.61
CA LEU B 23 -8.12 17.25 3.93
C LEU B 23 -8.77 17.70 2.62
N LYS B 24 -9.44 18.85 2.62
CA LYS B 24 -10.06 19.36 1.38
C LYS B 24 -8.99 19.65 0.33
N ALA B 25 -7.89 20.28 0.72
CA ALA B 25 -6.82 20.55 -0.25
C ALA B 25 -6.21 19.26 -0.76
N ALA B 26 -5.93 18.32 0.12
CA ALA B 26 -5.21 17.12 -0.30
C ALA B 26 -6.01 16.31 -1.30
N ALA B 27 -7.34 16.25 -1.13
CA ALA B 27 -8.19 15.53 -2.08
C ALA B 27 -8.64 16.43 -3.23
N ASN B 28 -8.23 17.69 -3.20
CA ASN B 28 -8.56 18.68 -4.23
C ASN B 28 -10.07 18.84 -4.44
N LEU B 29 -10.82 18.91 -3.33
CA LEU B 29 -12.27 19.01 -3.44
C LEU B 29 -12.69 20.30 -4.13
N ASN B 30 -11.97 21.39 -3.87
CA ASN B 30 -12.30 22.69 -4.45
C ASN B 30 -11.48 22.96 -5.71
N GLY B 31 -10.99 21.92 -6.37
CA GLY B 31 -10.22 22.10 -7.59
C GLY B 31 -11.11 22.24 -8.81
N ASP B 32 -10.45 22.53 -9.93
CA ASP B 32 -11.16 22.61 -11.21
C ASP B 32 -11.80 21.27 -11.53
N ALA B 33 -12.70 21.28 -12.50
CA ALA B 33 -13.41 20.05 -12.90
C ALA B 33 -12.43 18.90 -13.11
N GLY B 34 -12.73 17.77 -12.47
CA GLY B 34 -11.87 16.61 -12.57
C GLY B 34 -12.62 15.32 -12.30
N ASN B 35 -11.98 14.37 -11.62
CA ASN B 35 -12.59 13.06 -11.30
C ASN B 35 -13.20 13.20 -9.92
N ALA B 36 -14.44 13.66 -9.88
CA ALA B 36 -15.09 13.92 -8.60
C ALA B 36 -15.19 12.66 -7.77
N ARG B 37 -15.58 11.54 -8.40
CA ARG B 37 -15.71 10.27 -7.68
C ARG B 37 -14.40 9.90 -7.01
N PHE B 38 -13.30 9.97 -7.74
CA PHE B 38 -12.01 9.61 -7.14
C PHE B 38 -11.67 10.56 -6.00
N ARG B 39 -11.92 11.85 -6.18
CA ARG B 39 -11.66 12.80 -5.12
C ARG B 39 -12.51 12.51 -3.89
N GLN B 40 -13.78 12.11 -4.10
CA GLN B 40 -14.66 11.75 -3.00
C GLN B 40 -14.15 10.54 -2.23
N ILE B 41 -13.70 9.51 -2.94
CA ILE B 41 -13.16 8.32 -2.27
C ILE B 41 -11.90 8.68 -1.50
N VAL B 42 -10.98 9.41 -2.15
CA VAL B 42 -9.74 9.78 -1.46
C VAL B 42 -10.03 10.63 -0.24
N HIS B 43 -10.93 11.60 -0.35
CA HIS B 43 -11.23 12.42 0.82
C HIS B 43 -11.78 11.58 1.96
N ARG B 44 -12.66 10.62 1.64
CA ARG B 44 -13.22 9.79 2.71
C ARG B 44 -12.16 8.91 3.36
N LEU B 45 -11.35 8.21 2.56
CA LEU B 45 -10.32 7.35 3.14
C LEU B 45 -9.31 8.12 3.98
N LEU B 46 -8.88 9.30 3.50
CA LEU B 46 -7.92 10.11 4.25
CA LEU B 46 -7.93 10.13 4.22
C LEU B 46 -8.55 10.65 5.52
N SER B 47 -9.79 11.12 5.43
CA SER B 47 -10.49 11.60 6.61
CA SER B 47 -10.46 11.61 6.61
C SER B 47 -10.59 10.51 7.67
N ASP B 48 -10.98 9.31 7.25
CA ASP B 48 -11.11 8.24 8.23
C ASP B 48 -9.75 7.92 8.85
N LEU B 49 -8.69 7.91 8.03
CA LEU B 49 -7.34 7.65 8.54
C LEU B 49 -6.93 8.71 9.54
N PHE B 50 -7.14 9.98 9.20
CA PHE B 50 -6.76 11.04 10.14
C PHE B 50 -7.56 10.92 11.44
N LYS B 51 -8.85 10.61 11.33
CA LYS B 51 -9.67 10.49 12.54
CA LYS B 51 -9.67 10.49 12.54
C LYS B 51 -9.19 9.31 13.38
N ALA B 52 -8.83 8.19 12.73
CA ALA B 52 -8.35 7.05 13.50
C ALA B 52 -7.03 7.35 14.21
N ILE B 53 -6.12 8.06 13.53
CA ILE B 53 -4.89 8.48 14.19
C ILE B 53 -5.20 9.35 15.41
N ASP B 54 -6.17 10.26 15.27
CA ASP B 54 -6.52 11.16 16.37
C ASP B 54 -7.18 10.38 17.52
N ASP B 55 -8.12 9.49 17.18
CA ASP B 55 -8.88 8.76 18.19
C ASP B 55 -8.00 7.77 18.97
N LEU B 56 -7.12 7.04 18.27
CA LEU B 56 -6.29 6.04 18.91
CA LEU B 56 -6.29 6.04 18.91
C LEU B 56 -4.92 6.57 19.30
N ASP B 57 -4.68 7.89 19.16
CA ASP B 57 -3.38 8.51 19.45
C ASP B 57 -2.26 7.72 18.80
N ILE B 58 -2.40 7.48 17.51
CA ILE B 58 -1.38 6.73 16.78
C ILE B 58 -0.17 7.63 16.62
N THR B 59 0.99 7.18 17.13
CA THR B 59 2.20 8.01 17.16
C THR B 59 2.86 8.11 15.80
N PRO B 60 3.68 9.14 15.57
CA PRO B 60 4.45 9.16 14.32
C PRO B 60 5.26 7.91 14.11
N ASP B 61 5.88 7.34 15.16
CA ASP B 61 6.65 6.13 14.96
C ASP B 61 5.76 5.00 14.44
N GLU B 62 4.54 4.89 14.98
CA GLU B 62 3.60 3.88 14.50
C GLU B 62 3.20 4.14 13.05
N VAL B 63 2.90 5.39 12.70
CA VAL B 63 2.53 5.72 11.32
C VAL B 63 3.66 5.38 10.35
N TRP B 64 4.90 5.76 10.68
CA TRP B 64 6.00 5.47 9.74
C TRP B 64 6.28 3.97 9.64
N ALA B 65 5.98 3.20 10.68
CA ALA B 65 6.04 1.74 10.56
C ALA B 65 4.98 1.23 9.60
N GLY B 66 3.78 1.82 9.61
CA GLY B 66 2.76 1.43 8.65
C GLY B 66 3.12 1.82 7.22
N VAL B 67 3.70 3.03 7.04
CA VAL B 67 4.17 3.45 5.73
C VAL B 67 5.24 2.48 5.24
N ASN B 68 6.15 2.07 6.13
CA ASN B 68 7.20 1.15 5.75
C ASN B 68 6.62 -0.18 5.34
N TYR B 69 5.56 -0.61 6.04
CA TYR B 69 4.91 -1.86 5.67
C TYR B 69 4.31 -1.78 4.28
N LEU B 70 3.68 -0.66 3.95
CA LEU B 70 3.11 -0.53 2.60
C LEU B 70 4.19 -0.66 1.55
N ASN B 71 5.38 -0.09 1.81
CA ASN B 71 6.46 -0.26 0.87
C ASN B 71 6.79 -1.73 0.69
N LYS B 72 6.90 -2.47 1.80
CA LYS B 72 7.24 -3.89 1.71
C LYS B 72 6.14 -4.68 1.01
N LEU B 73 4.88 -4.34 1.28
CA LEU B 73 3.75 -5.03 0.69
C LEU B 73 3.81 -4.98 -0.84
N GLY B 74 3.98 -3.77 -1.39
CA GLY B 74 4.06 -3.63 -2.83
C GLY B 74 5.35 -4.18 -3.42
N GLN B 75 6.48 -4.01 -2.72
CA GLN B 75 7.72 -4.59 -3.20
C GLN B 75 7.57 -6.11 -3.33
N ASP B 76 6.87 -6.75 -2.38
CA ASP B 76 6.57 -8.18 -2.45
C ASP B 76 5.50 -8.53 -3.46
N GLY B 77 4.81 -7.54 -4.03
CA GLY B 77 3.70 -7.84 -4.93
C GLY B 77 2.53 -8.54 -4.27
N GLU B 78 2.27 -8.28 -2.99
CA GLU B 78 1.32 -9.06 -2.21
C GLU B 78 0.07 -8.33 -1.78
N ALA B 79 -0.24 -7.15 -2.34
CA ALA B 79 -1.41 -6.43 -1.84
C ALA B 79 -2.69 -7.25 -2.02
N ALA B 80 -2.79 -8.05 -3.09
CA ALA B 80 -3.99 -8.85 -3.31
C ALA B 80 -4.05 -10.06 -2.39
N LEU B 81 -2.89 -10.55 -1.94
CA LEU B 81 -2.88 -11.63 -0.95
CA LEU B 81 -2.87 -11.62 -0.95
C LEU B 81 -3.35 -11.11 0.39
N LEU B 82 -2.90 -9.91 0.78
CA LEU B 82 -3.38 -9.30 2.01
C LEU B 82 -4.87 -8.97 1.92
N ALA B 83 -5.34 -8.52 0.76
CA ALA B 83 -6.77 -8.28 0.63
C ALA B 83 -7.59 -9.53 0.94
N ALA B 84 -7.10 -10.70 0.54
CA ALA B 84 -7.80 -11.91 0.92
C ALA B 84 -7.62 -12.19 2.41
N GLY B 85 -6.42 -12.01 2.93
CA GLY B 85 -6.12 -12.44 4.28
C GLY B 85 -6.79 -11.62 5.38
N ILE B 86 -7.08 -10.34 5.13
CA ILE B 86 -7.80 -9.55 6.14
C ILE B 86 -9.28 -9.44 5.80
N GLY B 87 -9.80 -10.33 4.95
CA GLY B 87 -11.22 -10.46 4.80
C GLY B 87 -11.84 -9.51 3.80
N LEU B 88 -11.04 -8.66 3.15
CA LEU B 88 -11.63 -7.70 2.23
C LEU B 88 -12.21 -8.38 0.99
N GLU B 89 -11.52 -9.40 0.47
CA GLU B 89 -12.06 -10.13 -0.69
C GLU B 89 -13.37 -10.82 -0.35
N LYS B 90 -13.45 -11.49 0.80
CA LYS B 90 -14.72 -12.06 1.24
C LYS B 90 -15.78 -10.98 1.40
N TYR B 91 -15.41 -9.83 1.95
CA TYR B 91 -16.38 -8.76 2.16
C TYR B 91 -17.01 -8.32 0.84
N LEU B 92 -16.22 -8.24 -0.23
CA LEU B 92 -16.82 -7.89 -1.51
C LEU B 92 -17.87 -8.94 -1.93
N ASP B 93 -17.61 -10.22 -1.65
CA ASP B 93 -18.60 -11.26 -1.92
C ASP B 93 -19.85 -11.08 -1.06
N ILE B 94 -19.68 -10.69 0.21
CA ILE B 94 -20.84 -10.46 1.07
C ILE B 94 -21.72 -9.38 0.47
N ARG B 95 -21.11 -8.29 -0.03
CA ARG B 95 -21.91 -7.22 -0.61
CA ARG B 95 -21.92 -7.23 -0.60
C ARG B 95 -22.55 -7.66 -1.92
N MET B 96 -21.84 -8.45 -2.74
CA MET B 96 -22.45 -8.95 -3.97
C MET B 96 -23.60 -9.91 -3.67
N ASP B 97 -23.45 -10.74 -2.64
CA ASP B 97 -24.53 -11.65 -2.26
C ASP B 97 -25.74 -10.88 -1.79
N ALA B 98 -25.52 -9.80 -1.03
CA ALA B 98 -26.64 -9.02 -0.53
C ALA B 98 -27.38 -8.33 -1.66
N ALA B 99 -26.64 -7.80 -2.64
CA ALA B 99 -27.26 -7.20 -3.82
C ALA B 99 -28.05 -8.24 -4.62
N ASP B 100 -27.51 -9.45 -4.78
CA ASP B 100 -28.23 -10.51 -5.49
C ASP B 100 -29.52 -10.88 -4.77
N ARG B 101 -29.46 -10.99 -3.45
CA ARG B 101 -30.64 -11.33 -2.68
C ARG B 101 -31.73 -10.28 -2.87
N ALA B 102 -31.35 -9.00 -2.84
CA ALA B 102 -32.32 -7.93 -3.01
C ALA B 102 -32.91 -7.91 -4.42
N ALA B 103 -32.13 -8.30 -5.42
CA ALA B 103 -32.60 -8.28 -6.80
C ALA B 103 -33.23 -9.60 -7.26
N GLY B 104 -33.18 -10.64 -6.45
CA GLY B 104 -33.68 -11.94 -6.89
C GLY B 104 -32.77 -12.66 -7.84
N LEU B 105 -31.48 -12.35 -7.82
CA LEU B 105 -30.47 -13.01 -8.63
C LEU B 105 -29.59 -13.93 -7.80
N ASP B 106 -30.20 -14.55 -6.79
CA ASP B 106 -29.49 -15.42 -5.85
C ASP B 106 -29.83 -16.89 -6.07
N GLY B 107 -30.27 -17.25 -7.27
CA GLY B 107 -30.69 -18.61 -7.56
C GLY B 107 -29.63 -19.53 -8.14
N GLY B 108 -28.43 -19.04 -8.44
CA GLY B 108 -27.39 -19.87 -9.01
C GLY B 108 -26.47 -20.47 -7.96
N THR B 109 -25.50 -21.24 -8.45
CA THR B 109 -24.46 -21.77 -7.57
C THR B 109 -23.80 -20.62 -6.80
N PRO B 110 -23.53 -20.79 -5.50
CA PRO B 110 -22.93 -19.69 -4.73
C PRO B 110 -21.55 -19.32 -5.24
N ARG B 111 -21.28 -18.02 -5.18
CA ARG B 111 -19.96 -17.48 -5.49
C ARG B 111 -19.01 -17.69 -4.31
N THR B 112 -17.71 -17.66 -4.59
CA THR B 112 -16.76 -17.34 -3.54
C THR B 112 -15.58 -16.64 -4.19
N ILE B 113 -14.50 -16.42 -3.43
CA ILE B 113 -13.49 -15.49 -3.89
C ILE B 113 -12.68 -16.08 -5.03
N GLU B 114 -12.16 -15.19 -5.87
CA GLU B 114 -11.26 -15.55 -6.95
C GLU B 114 -9.86 -15.88 -6.44
N GLY B 115 -9.36 -15.11 -5.47
CA GLY B 115 -7.96 -15.21 -5.12
C GLY B 115 -7.12 -14.55 -6.21
N PRO B 116 -5.81 -14.47 -5.98
CA PRO B 116 -4.94 -13.69 -6.87
C PRO B 116 -4.17 -14.47 -7.92
N LEU B 117 -4.51 -15.75 -8.17
CA LEU B 117 -3.62 -16.61 -8.96
C LEU B 117 -4.22 -17.11 -10.27
N TYR B 118 -5.24 -16.43 -10.80
CA TYR B 118 -5.70 -16.76 -12.15
C TYR B 118 -4.63 -16.40 -13.18
N VAL B 119 -4.58 -17.18 -14.25
CA VAL B 119 -3.71 -16.88 -15.39
C VAL B 119 -4.52 -17.09 -16.66
N ALA B 120 -4.61 -16.06 -17.49
CA ALA B 120 -5.32 -16.11 -18.75
C ALA B 120 -4.49 -16.81 -19.81
N GLY B 121 -5.17 -17.51 -20.70
CA GLY B 121 -4.53 -18.06 -21.89
C GLY B 121 -4.48 -19.57 -21.94
N ALA B 122 -5.16 -20.26 -21.01
CA ALA B 122 -5.05 -21.70 -20.97
C ALA B 122 -5.75 -22.32 -22.17
N PRO B 123 -5.33 -23.50 -22.61
CA PRO B 123 -5.95 -24.10 -23.78
C PRO B 123 -7.35 -24.59 -23.41
N VAL B 124 -8.23 -24.53 -24.41
CA VAL B 124 -9.63 -24.87 -24.28
C VAL B 124 -9.85 -26.16 -25.05
N ARG B 125 -10.59 -27.08 -24.46
CA ARG B 125 -10.99 -28.30 -25.14
C ARG B 125 -12.50 -28.40 -25.15
N ASP B 126 -13.02 -29.21 -26.09
CA ASP B 126 -14.43 -29.56 -26.09
C ASP B 126 -14.68 -30.72 -25.14
N GLY B 127 -15.52 -30.49 -24.14
CA GLY B 127 -16.08 -31.55 -23.30
C GLY B 127 -15.21 -32.11 -22.19
N VAL B 128 -13.95 -32.41 -22.50
CA VAL B 128 -13.05 -33.05 -21.55
CA VAL B 128 -13.03 -33.10 -21.59
C VAL B 128 -11.65 -32.49 -21.75
N ALA B 129 -10.98 -32.20 -20.65
CA ALA B 129 -9.62 -31.67 -20.69
C ALA B 129 -8.77 -32.35 -19.63
N LYS B 130 -7.57 -32.78 -20.02
CA LYS B 130 -6.56 -33.28 -19.09
CA LYS B 130 -6.56 -33.27 -19.08
C LYS B 130 -5.59 -32.14 -18.81
N ILE B 131 -5.50 -31.71 -17.55
CA ILE B 131 -4.76 -30.50 -17.22
C ILE B 131 -3.53 -30.75 -16.38
N ASP B 132 -3.22 -31.99 -15.98
CA ASP B 132 -1.95 -32.24 -15.30
C ASP B 132 -0.89 -32.47 -16.36
N LEU B 133 -0.07 -31.45 -16.62
CA LEU B 133 0.99 -31.49 -17.61
C LEU B 133 2.31 -31.94 -17.03
N ASP B 134 2.50 -31.75 -15.73
CA ASP B 134 3.71 -32.16 -15.04
C ASP B 134 3.40 -33.31 -14.10
N ASP B 135 4.34 -34.24 -13.99
CA ASP B 135 4.23 -35.33 -13.04
C ASP B 135 4.35 -34.80 -11.61
N ASP B 136 3.65 -35.47 -10.69
CA ASP B 136 3.62 -35.10 -9.27
C ASP B 136 3.37 -36.39 -8.50
N ALA B 137 4.45 -37.04 -8.08
CA ALA B 137 4.32 -38.38 -7.51
C ALA B 137 3.42 -38.40 -6.27
N ASP B 138 3.36 -37.30 -5.52
CA ASP B 138 2.65 -37.29 -4.26
C ASP B 138 1.16 -36.98 -4.40
N ALA B 139 0.68 -36.66 -5.60
CA ALA B 139 -0.74 -36.36 -5.79
C ALA B 139 -1.39 -37.49 -6.56
N GLY B 140 -2.56 -37.89 -6.11
CA GLY B 140 -3.30 -38.96 -6.77
C GLY B 140 -4.23 -38.38 -7.81
N PRO B 141 -4.67 -39.22 -8.75
CA PRO B 141 -5.53 -38.73 -9.83
C PRO B 141 -6.93 -38.36 -9.37
N LEU B 142 -7.50 -37.37 -10.05
CA LEU B 142 -8.76 -36.73 -9.70
C LEU B 142 -9.51 -36.40 -10.99
N VAL B 143 -10.75 -36.83 -11.09
CA VAL B 143 -11.67 -36.40 -12.15
C VAL B 143 -12.67 -35.43 -11.52
N ILE B 144 -12.83 -34.26 -12.13
CA ILE B 144 -13.86 -33.30 -11.76
C ILE B 144 -14.85 -33.22 -12.91
N ARG B 145 -16.14 -33.46 -12.63
CA ARG B 145 -17.09 -33.38 -13.73
C ARG B 145 -18.44 -32.89 -13.24
N GLY B 146 -19.22 -32.38 -14.18
CA GLY B 146 -20.54 -31.92 -13.82
C GLY B 146 -21.29 -31.46 -15.05
N THR B 147 -22.48 -30.92 -14.80
CA THR B 147 -23.32 -30.36 -15.85
C THR B 147 -23.61 -28.89 -15.52
N VAL B 148 -23.58 -28.05 -16.55
CA VAL B 148 -23.91 -26.63 -16.41
C VAL B 148 -25.32 -26.40 -16.92
N THR B 149 -26.17 -25.83 -16.06
CA THR B 149 -27.54 -25.49 -16.40
C THR B 149 -27.77 -24.03 -16.05
N GLY B 150 -28.85 -23.46 -16.57
CA GLY B 150 -29.35 -22.20 -16.08
C GLY B 150 -30.23 -22.42 -14.88
N THR B 151 -30.71 -21.33 -14.29
CA THR B 151 -31.59 -21.47 -13.14
C THR B 151 -32.93 -22.12 -13.48
N ASP B 152 -33.31 -22.17 -14.76
CA ASP B 152 -34.49 -22.92 -15.18
C ASP B 152 -34.19 -24.41 -15.44
N GLY B 153 -32.97 -24.86 -15.17
CA GLY B 153 -32.65 -26.28 -15.25
C GLY B 153 -32.25 -26.79 -16.62
N LYS B 154 -32.31 -25.97 -17.63
CA LYS B 154 -31.96 -26.45 -18.96
C LYS B 154 -30.44 -26.42 -19.15
N PRO B 155 -29.87 -27.43 -19.81
CA PRO B 155 -28.41 -27.46 -19.96
C PRO B 155 -27.93 -26.34 -20.86
N LEU B 156 -26.73 -25.84 -20.56
CA LEU B 156 -26.12 -24.77 -21.34
C LEU B 156 -24.99 -25.39 -22.15
N ALA B 157 -25.15 -25.40 -23.47
CA ALA B 157 -24.16 -25.98 -24.37
C ALA B 157 -23.16 -24.90 -24.78
N GLY B 158 -21.89 -25.28 -24.83
CA GLY B 158 -20.85 -24.34 -25.20
C GLY B 158 -20.51 -23.32 -24.13
N ALA B 159 -20.95 -23.52 -22.90
CA ALA B 159 -20.50 -22.71 -21.77
C ALA B 159 -19.02 -22.98 -21.53
N LEU B 160 -18.31 -21.98 -21.00
CA LEU B 160 -16.88 -22.11 -20.75
C LEU B 160 -16.65 -22.33 -19.26
N VAL B 161 -16.06 -23.47 -18.93
CA VAL B 161 -15.72 -23.83 -17.57
C VAL B 161 -14.20 -23.79 -17.45
N GLU B 162 -13.70 -22.89 -16.62
CA GLU B 162 -12.27 -22.73 -16.41
C GLU B 162 -11.91 -23.16 -15.00
N CYS B 163 -10.80 -23.87 -14.90
CA CYS B 163 -10.34 -24.48 -13.64
C CYS B 163 -8.88 -24.14 -13.37
N TRP B 164 -8.51 -23.83 -12.15
CA TRP B 164 -7.09 -23.76 -11.78
C TRP B 164 -6.92 -24.20 -10.33
N HIS B 165 -5.79 -24.84 -10.04
CA HIS B 165 -5.54 -25.32 -8.68
C HIS B 165 -4.07 -25.66 -8.49
N ALA B 166 -3.73 -25.96 -7.24
CA ALA B 166 -2.33 -26.17 -6.84
C ALA B 166 -1.90 -27.64 -6.97
N ASN B 167 -0.60 -27.84 -6.94
CA ASN B 167 -0.02 -29.18 -6.94
C ASN B 167 0.10 -29.70 -5.51
N SER B 168 0.79 -30.83 -5.31
CA SER B 168 0.90 -31.48 -4.01
C SER B 168 1.76 -30.71 -3.02
N LYS B 169 2.52 -29.74 -3.50
CA LYS B 169 3.33 -28.89 -2.64
C LYS B 169 2.65 -27.56 -2.37
N GLY B 170 1.42 -27.38 -2.87
CA GLY B 170 0.64 -26.18 -2.65
C GLY B 170 0.97 -25.03 -3.56
N PHE B 171 1.65 -25.28 -4.68
CA PHE B 171 2.09 -24.24 -5.60
C PHE B 171 1.32 -24.34 -6.91
N TYR B 172 1.04 -23.17 -7.47
CA TYR B 172 0.39 -23.04 -8.76
C TYR B 172 1.42 -22.77 -9.86
N SER B 173 1.13 -23.27 -11.06
CA SER B 173 1.95 -22.86 -12.19
C SER B 173 1.91 -21.34 -12.36
N HIS B 174 3.02 -20.78 -12.81
CA HIS B 174 3.29 -19.36 -12.98
C HIS B 174 3.54 -18.64 -11.66
N PHE B 175 3.44 -19.32 -10.52
CA PHE B 175 3.70 -18.74 -9.21
C PHE B 175 4.47 -19.71 -8.32
N ASP B 176 5.24 -20.61 -8.92
CA ASP B 176 5.96 -21.62 -8.15
C ASP B 176 7.36 -21.09 -7.83
N PRO B 177 7.70 -20.91 -6.55
CA PRO B 177 9.05 -20.37 -6.23
C PRO B 177 10.16 -21.38 -6.27
N THR B 178 9.85 -22.68 -6.33
CA THR B 178 10.87 -23.73 -6.31
C THR B 178 11.37 -24.09 -7.70
N GLY B 179 10.80 -23.50 -8.76
CA GLY B 179 11.11 -23.91 -10.11
C GLY B 179 9.90 -23.78 -11.01
N ALA B 180 10.12 -23.38 -12.26
CA ALA B 180 9.03 -23.21 -13.20
C ALA B 180 8.31 -24.53 -13.48
N GLN B 181 6.99 -24.48 -13.37
CA GLN B 181 6.13 -25.51 -13.90
C GLN B 181 5.95 -25.30 -15.39
N THR B 182 5.50 -26.35 -16.07
CA THR B 182 5.06 -26.16 -17.45
C THR B 182 3.93 -25.13 -17.46
N ALA B 183 3.98 -24.21 -18.43
CA ALA B 183 2.88 -23.27 -18.63
C ALA B 183 1.54 -23.98 -18.57
N PHE B 184 0.65 -23.46 -17.71
CA PHE B 184 -0.74 -23.90 -17.57
C PHE B 184 -0.85 -25.30 -16.98
N ASN B 185 0.17 -25.76 -16.28
CA ASN B 185 -0.02 -26.94 -15.44
C ASN B 185 -1.16 -26.70 -14.45
N LEU B 186 -2.10 -27.65 -14.43
CA LEU B 186 -3.28 -27.64 -13.55
C LEU B 186 -4.17 -26.43 -13.80
N ARG B 187 -4.23 -26.01 -15.07
CA ARG B 187 -5.06 -24.89 -15.50
C ARG B 187 -5.67 -25.29 -16.82
N GLY B 188 -7.00 -25.23 -16.91
CA GLY B 188 -7.62 -25.62 -18.16
C GLY B 188 -8.98 -24.99 -18.32
N ALA B 189 -9.48 -25.09 -19.55
CA ALA B 189 -10.83 -24.67 -19.84
C ALA B 189 -11.48 -25.72 -20.72
N VAL B 190 -12.77 -25.92 -20.51
CA VAL B 190 -13.60 -26.85 -21.26
C VAL B 190 -14.83 -26.10 -21.76
N ARG B 191 -15.14 -26.24 -23.05
CA ARG B 191 -16.45 -25.85 -23.57
CA ARG B 191 -16.45 -25.86 -23.57
C ARG B 191 -17.41 -27.02 -23.36
N THR B 192 -18.52 -26.76 -22.66
CA THR B 192 -19.47 -27.83 -22.39
C THR B 192 -20.03 -28.41 -23.68
N ASP B 193 -20.42 -29.69 -23.61
CA ASP B 193 -20.95 -30.35 -24.78
C ASP B 193 -22.43 -29.97 -24.98
N ALA B 194 -23.07 -30.61 -25.96
CA ALA B 194 -24.44 -30.24 -26.31
C ALA B 194 -25.41 -30.47 -25.15
N ASN B 195 -25.03 -31.28 -24.15
CA ASN B 195 -25.88 -31.53 -22.99
C ASN B 195 -25.32 -30.89 -21.73
N GLY B 196 -24.46 -29.88 -21.88
CA GLY B 196 -23.96 -29.10 -20.75
C GLY B 196 -22.87 -29.74 -19.94
N LYS B 197 -22.31 -30.88 -20.36
CA LYS B 197 -21.34 -31.58 -19.54
C LYS B 197 -19.93 -31.05 -19.71
N TYR B 198 -19.17 -31.05 -18.63
CA TYR B 198 -17.74 -30.78 -18.65
C TYR B 198 -17.05 -31.84 -17.81
N GLU B 199 -15.77 -32.08 -18.11
CA GLU B 199 -14.96 -32.98 -17.30
C GLU B 199 -13.49 -32.57 -17.37
N PHE B 200 -12.82 -32.58 -16.23
CA PHE B 200 -11.39 -32.35 -16.11
C PHE B 200 -10.75 -33.58 -15.50
N ARG B 201 -9.64 -33.99 -16.08
CA ARG B 201 -8.79 -35.03 -15.48
C ARG B 201 -7.53 -34.35 -14.99
N THR B 202 -7.22 -34.54 -13.71
CA THR B 202 -6.18 -33.77 -13.07
C THR B 202 -5.60 -34.60 -11.92
N LEU B 203 -4.94 -33.93 -10.99
CA LEU B 203 -4.36 -34.52 -9.80
C LEU B 203 -4.94 -33.76 -8.61
N MET B 204 -4.92 -34.40 -7.46
CA MET B 204 -5.53 -33.83 -6.25
C MET B 204 -4.70 -32.67 -5.72
N PRO B 205 -5.32 -31.51 -5.48
CA PRO B 205 -4.57 -30.38 -4.89
C PRO B 205 -4.34 -30.57 -3.40
N VAL B 206 -3.32 -29.86 -2.91
N VAL B 206 -3.31 -29.89 -2.90
CA VAL B 206 -3.06 -29.72 -1.49
CA VAL B 206 -3.15 -29.71 -1.47
C VAL B 206 -3.12 -28.23 -1.15
C VAL B 206 -3.24 -28.21 -1.18
N GLY B 207 -3.64 -27.93 0.02
N GLY B 207 -3.43 -27.90 0.09
CA GLY B 207 -3.63 -26.57 0.53
CA GLY B 207 -3.61 -26.52 0.50
C GLY B 207 -2.22 -26.10 0.89
C GLY B 207 -2.36 -25.69 0.26
N TYR B 208 -2.12 -24.81 1.17
N TYR B 208 -2.59 -24.39 0.15
CA TYR B 208 -0.82 -24.14 1.22
CA TYR B 208 -1.54 -23.40 -0.07
C TYR B 208 -0.87 -22.97 2.17
C TYR B 208 -1.41 -22.56 1.20
N GLY B 209 0.25 -22.26 2.27
N GLY B 209 -0.24 -21.96 1.36
CA GLY B 209 0.32 -21.06 3.08
CA GLY B 209 -0.02 -21.03 2.44
C GLY B 209 0.99 -19.95 2.30
C GLY B 209 0.67 -19.79 1.91
N CYS B 210 0.65 -18.73 2.71
CA CYS B 210 1.31 -17.50 2.30
C CYS B 210 2.82 -17.68 2.26
N PRO B 211 3.53 -17.00 1.36
CA PRO B 211 5.00 -16.96 1.44
C PRO B 211 5.44 -16.54 2.84
N PRO B 212 6.24 -17.38 3.51
CA PRO B 212 6.47 -17.13 4.95
C PRO B 212 7.22 -15.85 5.27
N GLN B 213 8.08 -15.37 4.36
CA GLN B 213 8.81 -14.14 4.59
C GLN B 213 8.10 -12.91 4.04
N GLY B 214 6.97 -13.08 3.38
CA GLY B 214 6.31 -11.98 2.70
C GLY B 214 5.52 -11.11 3.64
N ALA B 215 5.04 -9.99 3.10
CA ALA B 215 4.38 -8.98 3.90
C ALA B 215 3.07 -9.49 4.49
N THR B 216 2.35 -10.33 3.77
CA THR B 216 1.05 -10.78 4.29
C THR B 216 1.24 -11.63 5.53
N GLN B 217 2.15 -12.61 5.48
CA GLN B 217 2.41 -13.41 6.67
C GLN B 217 3.04 -12.57 7.79
N GLN B 218 3.83 -11.55 7.48
CA GLN B 218 4.36 -10.71 8.55
C GLN B 218 3.23 -10.07 9.35
N LEU B 219 2.22 -9.53 8.66
CA LEU B 219 1.09 -8.91 9.33
C LEU B 219 0.26 -9.96 10.07
N LEU B 220 0.00 -11.11 9.43
CA LEU B 220 -0.76 -12.16 10.10
C LEU B 220 -0.04 -12.63 11.36
N ASN B 221 1.29 -12.81 11.28
CA ASN B 221 2.06 -13.13 12.49
C ASN B 221 1.86 -12.06 13.55
N GLY B 222 1.86 -10.79 13.14
CA GLY B 222 1.65 -9.73 14.11
C GLY B 222 0.32 -9.87 14.84
N LEU B 223 -0.71 -10.35 14.13
CA LEU B 223 -2.02 -10.55 14.72
C LEU B 223 -2.16 -11.87 15.46
N GLY B 224 -1.21 -12.80 15.30
CA GLY B 224 -1.34 -14.11 15.89
C GLY B 224 -2.06 -15.12 15.03
N ARG B 225 -2.21 -14.85 13.73
CA ARG B 225 -2.95 -15.71 12.81
C ARG B 225 -2.04 -16.50 11.87
N HIS B 226 -2.53 -17.67 11.44
CA HIS B 226 -1.86 -18.43 10.39
C HIS B 226 -2.29 -17.91 9.02
N GLY B 227 -1.50 -18.28 7.99
CA GLY B 227 -1.79 -17.88 6.63
C GLY B 227 -2.05 -19.03 5.68
N ASN B 228 -2.81 -20.03 6.11
CA ASN B 228 -3.00 -21.26 5.34
C ASN B 228 -4.41 -21.38 4.79
N ARG B 229 -4.53 -22.07 3.65
CA ARG B 229 -5.82 -22.38 3.06
CA ARG B 229 -5.82 -22.38 3.07
C ARG B 229 -5.98 -23.89 2.99
N PRO B 230 -7.20 -24.39 3.12
CA PRO B 230 -7.45 -25.79 2.83
C PRO B 230 -7.34 -26.04 1.34
N ALA B 231 -7.22 -27.32 0.97
CA ALA B 231 -7.14 -27.68 -0.44
C ALA B 231 -8.44 -27.35 -1.16
N HIS B 232 -8.32 -26.85 -2.38
CA HIS B 232 -9.47 -26.33 -3.12
C HIS B 232 -9.16 -26.27 -4.60
N VAL B 233 -10.21 -26.06 -5.39
CA VAL B 233 -10.14 -25.89 -6.83
C VAL B 233 -10.97 -24.67 -7.21
N HIS B 234 -10.38 -23.79 -8.03
CA HIS B 234 -10.99 -22.54 -8.49
C HIS B 234 -11.73 -22.76 -9.80
N PHE B 235 -12.82 -22.02 -9.97
CA PHE B 235 -13.57 -22.00 -11.22
C PHE B 235 -14.04 -20.62 -11.63
N PHE B 236 -13.98 -20.38 -12.93
CA PHE B 236 -14.81 -19.40 -13.62
C PHE B 236 -15.76 -20.18 -14.52
N VAL B 237 -17.02 -19.77 -14.58
CA VAL B 237 -17.96 -20.37 -15.53
C VAL B 237 -18.71 -19.26 -16.20
N SER B 238 -18.75 -19.28 -17.51
CA SER B 238 -19.39 -18.24 -18.28
C SER B 238 -20.13 -18.85 -19.44
N GLY B 239 -21.09 -18.09 -19.95
CA GLY B 239 -21.83 -18.54 -21.12
C GLY B 239 -22.70 -17.44 -21.66
N ASP B 240 -22.96 -17.45 -22.96
CA ASP B 240 -23.82 -16.44 -23.55
CA ASP B 240 -23.82 -16.44 -23.55
C ASP B 240 -25.14 -16.38 -22.81
N GLY B 241 -25.62 -15.17 -22.58
CA GLY B 241 -26.89 -14.96 -21.94
C GLY B 241 -26.87 -15.09 -20.43
N HIS B 242 -25.74 -15.41 -19.82
CA HIS B 242 -25.65 -15.64 -18.39
C HIS B 242 -24.53 -14.82 -17.76
N ARG B 243 -24.65 -14.62 -16.45
CA ARG B 243 -23.60 -13.95 -15.69
C ARG B 243 -22.40 -14.89 -15.50
N LYS B 244 -21.23 -14.29 -15.39
CA LYS B 244 -20.02 -15.04 -15.10
C LYS B 244 -19.96 -15.39 -13.62
N LEU B 245 -19.78 -16.67 -13.32
CA LEU B 245 -19.67 -17.16 -11.96
C LEU B 245 -18.21 -17.31 -11.59
N THR B 246 -17.84 -16.78 -10.42
CA THR B 246 -16.56 -17.05 -9.77
C THR B 246 -16.85 -17.90 -8.55
N THR B 247 -16.28 -19.11 -8.50
CA THR B 247 -16.54 -20.00 -7.39
C THR B 247 -15.33 -20.91 -7.18
N GLN B 248 -15.47 -21.79 -6.20
CA GLN B 248 -14.47 -22.80 -5.88
CA GLN B 248 -14.46 -22.77 -5.82
C GLN B 248 -15.19 -23.97 -5.24
N PHE B 249 -14.48 -25.08 -5.08
CA PHE B 249 -14.91 -26.03 -4.08
C PHE B 249 -13.71 -26.45 -3.24
N ASN B 250 -14.01 -26.82 -1.99
CA ASN B 250 -13.04 -27.37 -1.06
C ASN B 250 -13.08 -28.90 -1.11
N ILE B 251 -11.89 -29.48 -0.90
CA ILE B 251 -11.75 -30.94 -0.78
C ILE B 251 -12.26 -31.38 0.60
N GLU B 252 -13.23 -32.28 0.59
CA GLU B 252 -13.82 -32.82 1.81
C GLU B 252 -12.74 -33.40 2.71
N GLY B 253 -12.90 -33.17 4.02
CA GLY B 253 -12.02 -33.75 5.01
C GLY B 253 -10.77 -32.94 5.34
N ASP B 254 -10.55 -31.83 4.68
CA ASP B 254 -9.36 -31.04 4.99
C ASP B 254 -9.51 -30.40 6.38
N PRO B 255 -8.54 -30.55 7.27
CA PRO B 255 -8.70 -30.00 8.62
C PRO B 255 -8.82 -28.49 8.66
N LEU B 256 -8.32 -27.78 7.63
CA LEU B 256 -8.42 -26.33 7.59
C LEU B 256 -9.70 -25.84 6.94
N ILE B 257 -10.63 -26.74 6.63
CA ILE B 257 -11.76 -26.36 5.80
C ILE B 257 -12.57 -25.24 6.43
N TRP B 258 -12.69 -25.22 7.76
CA TRP B 258 -13.40 -24.15 8.46
C TRP B 258 -12.46 -23.24 9.24
N ASP B 259 -11.21 -23.15 8.80
CA ASP B 259 -10.23 -22.20 9.34
C ASP B 259 -9.33 -21.70 8.22
N ASP B 260 -9.97 -21.26 7.15
CA ASP B 260 -9.32 -20.69 5.98
C ASP B 260 -8.88 -19.26 6.28
N PHE B 261 -7.61 -18.95 6.04
CA PHE B 261 -7.15 -17.58 6.33
C PHE B 261 -7.80 -16.53 5.43
N ALA B 262 -8.45 -16.94 4.34
CA ALA B 262 -9.11 -16.04 3.42
C ALA B 262 -10.63 -16.11 3.51
N TYR B 263 -11.17 -16.88 4.46
CA TYR B 263 -12.59 -16.84 4.81
C TYR B 263 -13.49 -17.19 3.64
N ALA B 264 -13.06 -18.15 2.80
CA ALA B 264 -13.73 -18.39 1.53
C ALA B 264 -14.59 -19.64 1.52
N THR B 265 -14.55 -20.45 2.55
CA THR B 265 -15.28 -21.71 2.58
C THR B 265 -16.78 -21.46 2.70
N ARG B 266 -17.56 -22.23 1.96
CA ARG B 266 -19.01 -22.22 2.00
C ARG B 266 -19.52 -23.65 2.07
N GLU B 267 -20.51 -23.89 2.94
CA GLU B 267 -20.97 -25.26 3.16
C GLU B 267 -21.57 -25.86 1.90
N GLU B 268 -22.11 -25.02 1.00
CA GLU B 268 -22.66 -25.51 -0.27
C GLU B 268 -21.60 -25.94 -1.27
N LEU B 269 -20.33 -25.66 -1.01
CA LEU B 269 -19.23 -25.87 -1.94
C LEU B 269 -18.21 -26.87 -1.39
N ILE B 270 -18.69 -27.94 -0.75
CA ILE B 270 -17.83 -29.01 -0.23
C ILE B 270 -18.40 -30.32 -0.78
N PRO B 271 -18.11 -30.65 -2.02
CA PRO B 271 -18.75 -31.82 -2.64
C PRO B 271 -18.24 -33.16 -2.13
N HIS B 272 -19.12 -34.15 -2.22
CA HIS B 272 -18.73 -35.51 -1.89
CA HIS B 272 -18.77 -35.54 -1.92
C HIS B 272 -17.68 -36.01 -2.88
N VAL B 273 -16.63 -36.62 -2.33
CA VAL B 273 -15.55 -37.25 -3.10
C VAL B 273 -15.81 -38.75 -3.17
N VAL B 274 -15.77 -39.32 -4.37
CA VAL B 274 -16.13 -40.71 -4.59
C VAL B 274 -14.87 -41.47 -5.02
N ASP B 275 -14.70 -42.68 -4.49
CA ASP B 275 -13.61 -43.56 -4.93
C ASP B 275 -14.07 -44.36 -6.14
N LYS B 276 -13.23 -44.37 -7.18
CA LYS B 276 -13.50 -45.09 -8.41
C LYS B 276 -12.32 -45.98 -8.76
N THR B 277 -12.57 -46.92 -9.67
CA THR B 277 -11.52 -47.69 -10.32
C THR B 277 -11.68 -47.61 -11.83
N GLY B 278 -10.71 -48.16 -12.55
CA GLY B 278 -10.70 -48.03 -13.99
C GLY B 278 -9.93 -46.83 -14.51
N GLY B 279 -8.97 -46.31 -13.75
CA GLY B 279 -8.28 -45.09 -14.12
C GLY B 279 -7.43 -45.22 -15.38
N ALA B 280 -6.79 -46.36 -15.57
CA ALA B 280 -5.85 -46.47 -16.68
C ALA B 280 -6.56 -46.28 -18.01
N ALA B 281 -7.81 -46.73 -18.13
CA ALA B 281 -8.50 -46.59 -19.40
C ALA B 281 -8.83 -45.14 -19.73
N LEU B 282 -8.83 -44.26 -18.72
CA LEU B 282 -9.08 -42.84 -18.89
C LEU B 282 -7.78 -42.04 -18.95
N GLY B 283 -6.64 -42.71 -19.07
CA GLY B 283 -5.39 -42.01 -19.12
C GLY B 283 -4.88 -41.53 -17.78
N MET B 284 -5.40 -42.05 -16.67
CA MET B 284 -4.89 -41.75 -15.33
CA MET B 284 -4.80 -41.68 -15.40
C MET B 284 -3.76 -42.72 -14.97
N LYS B 285 -2.95 -42.34 -14.00
CA LYS B 285 -1.71 -43.05 -13.69
C LYS B 285 -1.89 -44.23 -12.75
N SER B 286 -3.07 -44.41 -12.17
CA SER B 286 -3.35 -45.58 -11.34
C SER B 286 -4.76 -46.07 -11.66
N ASP B 287 -5.03 -47.32 -11.25
CA ASP B 287 -6.39 -47.85 -11.39
C ASP B 287 -7.37 -47.09 -10.50
N ALA B 288 -7.03 -46.91 -9.24
CA ALA B 288 -7.86 -46.14 -8.32
C ALA B 288 -7.74 -44.65 -8.58
N TYR B 289 -8.86 -43.94 -8.53
CA TYR B 289 -8.82 -42.50 -8.60
C TYR B 289 -10.00 -41.94 -7.81
N LYS B 290 -10.04 -40.64 -7.64
CA LYS B 290 -11.14 -39.96 -6.99
C LYS B 290 -11.93 -39.16 -8.03
N GLU B 291 -13.26 -39.10 -7.83
CA GLU B 291 -14.11 -38.30 -8.70
C GLU B 291 -14.95 -37.35 -7.86
N ILE B 292 -14.96 -36.07 -8.25
CA ILE B 292 -15.82 -35.08 -7.63
C ILE B 292 -16.81 -34.58 -8.66
N GLU B 293 -18.09 -34.77 -8.40
CA GLU B 293 -19.15 -34.16 -9.19
C GLU B 293 -19.40 -32.74 -8.67
N PHE B 294 -19.40 -31.78 -9.57
CA PHE B 294 -19.58 -30.37 -9.22
C PHE B 294 -20.44 -29.75 -10.33
N ASP B 295 -21.74 -29.71 -10.08
CA ASP B 295 -22.64 -29.13 -11.04
C ASP B 295 -22.68 -27.61 -10.86
N ILE B 296 -23.05 -26.92 -11.94
CA ILE B 296 -23.05 -25.45 -11.96
C ILE B 296 -24.40 -24.98 -12.48
N VAL B 297 -25.01 -24.05 -11.75
CA VAL B 297 -26.23 -23.37 -12.16
C VAL B 297 -25.89 -21.90 -12.36
N LEU B 298 -26.13 -21.39 -13.56
CA LEU B 298 -25.81 -20.01 -13.92
C LEU B 298 -27.08 -19.17 -13.95
N THR B 299 -26.90 -17.90 -13.62
CA THR B 299 -28.01 -16.95 -13.59
CA THR B 299 -28.01 -16.96 -13.60
C THR B 299 -28.08 -16.20 -14.92
N PRO B 300 -29.25 -16.10 -15.54
CA PRO B 300 -29.33 -15.34 -16.79
C PRO B 300 -29.07 -13.87 -16.53
N LEU B 301 -28.60 -13.19 -17.58
CA LEU B 301 -28.35 -11.77 -17.45
C LEU B 301 -29.66 -11.04 -17.20
N LEU B 302 -29.61 -10.09 -16.28
CA LEU B 302 -30.68 -9.12 -16.12
C LEU B 302 -30.39 -7.92 -17.00
N ASP B 303 -31.32 -7.62 -17.91
CA ASP B 303 -31.21 -6.45 -18.79
C ASP B 303 -29.93 -6.49 -19.62
N GLY B 304 -29.55 -7.69 -20.02
CA GLY B 304 -28.51 -7.86 -21.01
C GLY B 304 -27.11 -7.56 -20.54
N ARG B 305 -26.92 -7.28 -19.25
CA ARG B 305 -25.62 -6.87 -18.72
C ARG B 305 -25.33 -7.57 -17.41
N ASP B 306 -24.07 -7.95 -17.25
CA ASP B 306 -23.57 -8.60 -16.04
C ASP B 306 -23.02 -7.54 -15.11
N ASN B 307 -23.72 -7.27 -14.01
CA ASN B 307 -23.33 -6.22 -13.10
C ASN B 307 -22.63 -6.75 -11.85
N GLN B 308 -22.13 -7.99 -11.87
CA GLN B 308 -21.26 -8.47 -10.81
C GLN B 308 -19.92 -8.99 -11.33
N VAL B 309 -19.69 -9.01 -12.64
CA VAL B 309 -18.40 -9.48 -13.15
C VAL B 309 -17.35 -8.46 -12.76
N VAL B 310 -16.14 -8.95 -12.47
CA VAL B 310 -15.08 -8.13 -11.87
C VAL B 310 -13.90 -8.05 -12.82
N HIS B 311 -13.45 -6.81 -13.07
CA HIS B 311 -12.21 -6.56 -13.79
C HIS B 311 -11.13 -6.19 -12.80
N ARG B 312 -10.05 -6.98 -12.78
CA ARG B 312 -8.89 -6.73 -11.94
C ARG B 312 -7.66 -7.19 -12.72
N PRO B 313 -6.49 -6.68 -12.37
CA PRO B 313 -5.25 -7.19 -12.98
C PRO B 313 -5.17 -8.70 -12.81
N ARG B 314 -4.87 -9.39 -13.92
CA ARG B 314 -4.69 -10.85 -13.93
C ARG B 314 -3.49 -11.18 -14.80
N ALA B 315 -2.71 -12.16 -14.34
CA ALA B 315 -1.57 -12.66 -15.10
C ALA B 315 -2.03 -13.31 -16.40
N SER B 316 -1.09 -13.42 -17.33
CA SER B 316 -1.39 -14.11 -18.58
C SER B 316 -0.12 -14.78 -19.08
N ALA B 317 -0.28 -15.74 -19.97
CA ALA B 317 0.87 -16.45 -20.51
C ALA B 317 0.52 -17.02 -21.88
N ASP B 318 1.56 -17.40 -22.61
CA ASP B 318 1.44 -18.13 -23.86
C ASP B 318 1.67 -19.62 -23.59
N ALA B 319 0.82 -20.47 -24.14
CA ALA B 319 0.87 -21.90 -23.87
C ALA B 319 2.23 -22.50 -24.24
#